data_5TRB
# 
_entry.id   5TRB 
# 
_audit_conform.dict_name       mmcif_pdbx.dic 
_audit_conform.dict_version    5.387 
_audit_conform.dict_location   http://mmcif.pdb.org/dictionaries/ascii/mmcif_pdbx.dic 
# 
loop_
_database_2.database_id 
_database_2.database_code 
_database_2.pdbx_database_accession 
_database_2.pdbx_DOI 
PDB   5TRB         pdb_00005trb 10.2210/pdb5trb/pdb 
WWPDB D_1000224696 ?            ?                   
# 
loop_
_pdbx_audit_revision_history.ordinal 
_pdbx_audit_revision_history.data_content_type 
_pdbx_audit_revision_history.major_revision 
_pdbx_audit_revision_history.minor_revision 
_pdbx_audit_revision_history.revision_date 
1 'Structure model' 1 0 2016-11-02 
2 'Structure model' 1 1 2024-03-06 
# 
_pdbx_audit_revision_details.ordinal             1 
_pdbx_audit_revision_details.revision_ordinal    1 
_pdbx_audit_revision_details.data_content_type   'Structure model' 
_pdbx_audit_revision_details.provider            repository 
_pdbx_audit_revision_details.type                'Initial release' 
_pdbx_audit_revision_details.description         ? 
_pdbx_audit_revision_details.details             ? 
# 
loop_
_pdbx_audit_revision_group.ordinal 
_pdbx_audit_revision_group.revision_ordinal 
_pdbx_audit_revision_group.data_content_type 
_pdbx_audit_revision_group.group 
1 2 'Structure model' 'Data collection'      
2 2 'Structure model' 'Database references'  
3 2 'Structure model' 'Derived calculations' 
# 
loop_
_pdbx_audit_revision_category.ordinal 
_pdbx_audit_revision_category.revision_ordinal 
_pdbx_audit_revision_category.data_content_type 
_pdbx_audit_revision_category.category 
1 2 'Structure model' chem_comp_atom        
2 2 'Structure model' chem_comp_bond        
3 2 'Structure model' citation              
4 2 'Structure model' database_2            
5 2 'Structure model' diffrn_source         
6 2 'Structure model' pdbx_prerelease_seq   
7 2 'Structure model' pdbx_struct_oper_list 
# 
loop_
_pdbx_audit_revision_item.ordinal 
_pdbx_audit_revision_item.revision_ordinal 
_pdbx_audit_revision_item.data_content_type 
_pdbx_audit_revision_item.item 
1 2 'Structure model' '_citation.journal_id_CSD'                  
2 2 'Structure model' '_database_2.pdbx_DOI'                      
3 2 'Structure model' '_database_2.pdbx_database_accession'       
4 2 'Structure model' '_diffrn_source.pdbx_synchrotron_site'      
5 2 'Structure model' '_pdbx_struct_oper_list.symmetry_operation' 
# 
_pdbx_database_PDB_obs_spr.id               SPRSDE 
_pdbx_database_PDB_obs_spr.date             2016-11-02 
_pdbx_database_PDB_obs_spr.pdb_id           5TRB 
_pdbx_database_PDB_obs_spr.replace_pdb_id   5DNG 
_pdbx_database_PDB_obs_spr.details          ? 
# 
_pdbx_database_status.status_code                     REL 
_pdbx_database_status.status_code_sf                  REL 
_pdbx_database_status.status_code_mr                  ? 
_pdbx_database_status.entry_id                        5TRB 
_pdbx_database_status.recvd_initial_deposition_date   2016-10-25 
_pdbx_database_status.SG_entry                        N 
_pdbx_database_status.deposit_site                    RCSB 
_pdbx_database_status.process_site                    RCSB 
_pdbx_database_status.status_code_cs                  ? 
_pdbx_database_status.methods_development_category    ? 
_pdbx_database_status.pdb_format_compatible           Y 
_pdbx_database_status.status_code_nmr_data            ? 
# 
loop_
_audit_author.name 
_audit_author.pdbx_ordinal 
'Foglizzo, M.'    1 
'Middleton, A.J.' 2 
'Day, C.L.'       3 
# 
_citation.abstract                  ? 
_citation.abstract_id_CAS           ? 
_citation.book_id_ISBN              ? 
_citation.book_publisher            ? 
_citation.book_publisher_city       ? 
_citation.book_title                ? 
_citation.coordinate_linkage        ? 
_citation.country                   UK 
_citation.database_id_Medline       ? 
_citation.details                   ? 
_citation.id                        primary 
_citation.journal_abbrev            J.Mol.Biol. 
_citation.journal_id_ASTM           JMOBAK 
_citation.journal_id_CSD            0070 
_citation.journal_id_ISSN           1089-8638 
_citation.journal_full              ? 
_citation.journal_issue             ? 
_citation.journal_volume            428 
_citation.language                  ? 
_citation.page_first                4073 
_citation.page_last                 4086 
_citation.title                     
'Structure and Function of the RING Domains of RNF20 and RNF40, Dimeric E3 Ligases that Monoubiquitylate Histone H2B.' 
_citation.year                      2016 
_citation.database_id_CSD           ? 
_citation.pdbx_database_id_DOI      10.1016/j.jmb.2016.07.025 
_citation.pdbx_database_id_PubMed   27569044 
_citation.unpublished_flag          ? 
# 
loop_
_citation_author.citation_id 
_citation_author.name 
_citation_author.ordinal 
_citation_author.identifier_ORCID 
primary 'Foglizzo, M.'    1 ? 
primary 'Middleton, A.J.' 2 ? 
primary 'Day, C.L.'       3 ? 
# 
loop_
_entity.id 
_entity.type 
_entity.src_method 
_entity.pdbx_description 
_entity.formula_weight 
_entity.pdbx_number_of_molecules 
_entity.pdbx_ec 
_entity.pdbx_mutation 
_entity.pdbx_fragment 
_entity.details 
1 polymer     man 'E3 ubiquitin-protein ligase BRE1A' 8715.255 1  6.3.2.- ? 'residues 906-975' ? 
2 non-polymer syn 'ZINC ION'                          65.409   2  ?       ? ?                  ? 
3 water       nat water                               18.015   30 ?       ? ?                  ? 
# 
_entity_name_com.entity_id   1 
_entity_name_com.name        'hBRE1,RING finger protein 20' 
# 
_entity_poly.entity_id                      1 
_entity_poly.type                           'polypeptide(L)' 
_entity_poly.nstd_linkage                   no 
_entity_poly.nstd_monomer                   no 
_entity_poly.pdbx_seq_one_letter_code       GPLGSDEILMEEIKDYKARLTCPCCNMRKKDAVLTKCFHVFCFECVKTRYDTRQRKCPKCNAAFGANDFHRIYIG 
_entity_poly.pdbx_seq_one_letter_code_can   GPLGSDEILMEEIKDYKARLTCPCCNMRKKDAVLTKCFHVFCFECVKTRYDTRQRKCPKCNAAFGANDFHRIYIG 
_entity_poly.pdbx_strand_id                 A 
_entity_poly.pdbx_target_identifier         ? 
# 
loop_
_pdbx_entity_nonpoly.entity_id 
_pdbx_entity_nonpoly.name 
_pdbx_entity_nonpoly.comp_id 
2 'ZINC ION' ZN  
3 water      HOH 
# 
loop_
_entity_poly_seq.entity_id 
_entity_poly_seq.num 
_entity_poly_seq.mon_id 
_entity_poly_seq.hetero 
1 1  GLY n 
1 2  PRO n 
1 3  LEU n 
1 4  GLY n 
1 5  SER n 
1 6  ASP n 
1 7  GLU n 
1 8  ILE n 
1 9  LEU n 
1 10 MET n 
1 11 GLU n 
1 12 GLU n 
1 13 ILE n 
1 14 LYS n 
1 15 ASP n 
1 16 TYR n 
1 17 LYS n 
1 18 ALA n 
1 19 ARG n 
1 20 LEU n 
1 21 THR n 
1 22 CYS n 
1 23 PRO n 
1 24 CYS n 
1 25 CYS n 
1 26 ASN n 
1 27 MET n 
1 28 ARG n 
1 29 LYS n 
1 30 LYS n 
1 31 ASP n 
1 32 ALA n 
1 33 VAL n 
1 34 LEU n 
1 35 THR n 
1 36 LYS n 
1 37 CYS n 
1 38 PHE n 
1 39 HIS n 
1 40 VAL n 
1 41 PHE n 
1 42 CYS n 
1 43 PHE n 
1 44 GLU n 
1 45 CYS n 
1 46 VAL n 
1 47 LYS n 
1 48 THR n 
1 49 ARG n 
1 50 TYR n 
1 51 ASP n 
1 52 THR n 
1 53 ARG n 
1 54 GLN n 
1 55 ARG n 
1 56 LYS n 
1 57 CYS n 
1 58 PRO n 
1 59 LYS n 
1 60 CYS n 
1 61 ASN n 
1 62 ALA n 
1 63 ALA n 
1 64 PHE n 
1 65 GLY n 
1 66 ALA n 
1 67 ASN n 
1 68 ASP n 
1 69 PHE n 
1 70 HIS n 
1 71 ARG n 
1 72 ILE n 
1 73 TYR n 
1 74 ILE n 
1 75 GLY n 
# 
_entity_src_gen.entity_id                          1 
_entity_src_gen.pdbx_src_id                        1 
_entity_src_gen.pdbx_alt_source_flag               sample 
_entity_src_gen.pdbx_seq_type                      'Biological sequence' 
_entity_src_gen.pdbx_beg_seq_num                   1 
_entity_src_gen.pdbx_end_seq_num                   75 
_entity_src_gen.gene_src_common_name               Human 
_entity_src_gen.gene_src_genus                     ? 
_entity_src_gen.pdbx_gene_src_gene                 'RNF20, BRE1A' 
_entity_src_gen.gene_src_species                   ? 
_entity_src_gen.gene_src_strain                    ? 
_entity_src_gen.gene_src_tissue                    ? 
_entity_src_gen.gene_src_tissue_fraction           ? 
_entity_src_gen.gene_src_details                   ? 
_entity_src_gen.pdbx_gene_src_fragment             ? 
_entity_src_gen.pdbx_gene_src_scientific_name      'Homo sapiens' 
_entity_src_gen.pdbx_gene_src_ncbi_taxonomy_id     9606 
_entity_src_gen.pdbx_gene_src_variant              ? 
_entity_src_gen.pdbx_gene_src_cell_line            ? 
_entity_src_gen.pdbx_gene_src_atcc                 ? 
_entity_src_gen.pdbx_gene_src_organ                ? 
_entity_src_gen.pdbx_gene_src_organelle            ? 
_entity_src_gen.pdbx_gene_src_cell                 ? 
_entity_src_gen.pdbx_gene_src_cellular_location    ? 
_entity_src_gen.host_org_common_name               ? 
_entity_src_gen.pdbx_host_org_scientific_name      'Escherichia coli' 
_entity_src_gen.pdbx_host_org_ncbi_taxonomy_id     562 
_entity_src_gen.host_org_genus                     ? 
_entity_src_gen.pdbx_host_org_gene                 ? 
_entity_src_gen.pdbx_host_org_organ                ? 
_entity_src_gen.host_org_species                   ? 
_entity_src_gen.pdbx_host_org_tissue               ? 
_entity_src_gen.pdbx_host_org_tissue_fraction      ? 
_entity_src_gen.pdbx_host_org_strain               ? 
_entity_src_gen.pdbx_host_org_variant              ? 
_entity_src_gen.pdbx_host_org_cell_line            ? 
_entity_src_gen.pdbx_host_org_atcc                 ? 
_entity_src_gen.pdbx_host_org_culture_collection   ? 
_entity_src_gen.pdbx_host_org_cell                 ? 
_entity_src_gen.pdbx_host_org_organelle            ? 
_entity_src_gen.pdbx_host_org_cellular_location    ? 
_entity_src_gen.pdbx_host_org_vector_type          ? 
_entity_src_gen.pdbx_host_org_vector               ? 
_entity_src_gen.host_org_details                   ? 
_entity_src_gen.expression_system_id               ? 
_entity_src_gen.plasmid_name                       ? 
_entity_src_gen.plasmid_details                    ? 
_entity_src_gen.pdbx_description                   ? 
# 
loop_
_chem_comp.id 
_chem_comp.type 
_chem_comp.mon_nstd_flag 
_chem_comp.name 
_chem_comp.pdbx_synonyms 
_chem_comp.formula 
_chem_comp.formula_weight 
ALA 'L-peptide linking' y ALANINE         ? 'C3 H7 N O2'     89.093  
ARG 'L-peptide linking' y ARGININE        ? 'C6 H15 N4 O2 1' 175.209 
ASN 'L-peptide linking' y ASPARAGINE      ? 'C4 H8 N2 O3'    132.118 
ASP 'L-peptide linking' y 'ASPARTIC ACID' ? 'C4 H7 N O4'     133.103 
CYS 'L-peptide linking' y CYSTEINE        ? 'C3 H7 N O2 S'   121.158 
GLN 'L-peptide linking' y GLUTAMINE       ? 'C5 H10 N2 O3'   146.144 
GLU 'L-peptide linking' y 'GLUTAMIC ACID' ? 'C5 H9 N O4'     147.129 
GLY 'peptide linking'   y GLYCINE         ? 'C2 H5 N O2'     75.067  
HIS 'L-peptide linking' y HISTIDINE       ? 'C6 H10 N3 O2 1' 156.162 
HOH non-polymer         . WATER           ? 'H2 O'           18.015  
ILE 'L-peptide linking' y ISOLEUCINE      ? 'C6 H13 N O2'    131.173 
LEU 'L-peptide linking' y LEUCINE         ? 'C6 H13 N O2'    131.173 
LYS 'L-peptide linking' y LYSINE          ? 'C6 H15 N2 O2 1' 147.195 
MET 'L-peptide linking' y METHIONINE      ? 'C5 H11 N O2 S'  149.211 
PHE 'L-peptide linking' y PHENYLALANINE   ? 'C9 H11 N O2'    165.189 
PRO 'L-peptide linking' y PROLINE         ? 'C5 H9 N O2'     115.130 
SER 'L-peptide linking' y SERINE          ? 'C3 H7 N O3'     105.093 
THR 'L-peptide linking' y THREONINE       ? 'C4 H9 N O3'     119.119 
TYR 'L-peptide linking' y TYROSINE        ? 'C9 H11 N O3'    181.189 
VAL 'L-peptide linking' y VALINE          ? 'C5 H11 N O2'    117.146 
ZN  non-polymer         . 'ZINC ION'      ? 'Zn 2'           65.409  
# 
loop_
_pdbx_poly_seq_scheme.asym_id 
_pdbx_poly_seq_scheme.entity_id 
_pdbx_poly_seq_scheme.seq_id 
_pdbx_poly_seq_scheme.mon_id 
_pdbx_poly_seq_scheme.ndb_seq_num 
_pdbx_poly_seq_scheme.pdb_seq_num 
_pdbx_poly_seq_scheme.auth_seq_num 
_pdbx_poly_seq_scheme.pdb_mon_id 
_pdbx_poly_seq_scheme.auth_mon_id 
_pdbx_poly_seq_scheme.pdb_strand_id 
_pdbx_poly_seq_scheme.pdb_ins_code 
_pdbx_poly_seq_scheme.hetero 
A 1 1  GLY 1  901 ?   ?   ?   A . n 
A 1 2  PRO 2  902 ?   ?   ?   A . n 
A 1 3  LEU 3  903 ?   ?   ?   A . n 
A 1 4  GLY 4  904 ?   ?   ?   A . n 
A 1 5  SER 5  905 ?   ?   ?   A . n 
A 1 6  ASP 6  906 ?   ?   ?   A . n 
A 1 7  GLU 7  907 907 GLU GLU A . n 
A 1 8  ILE 8  908 908 ILE ILE A . n 
A 1 9  LEU 9  909 909 LEU LEU A . n 
A 1 10 MET 10 910 910 MET MET A . n 
A 1 11 GLU 11 911 911 GLU GLU A . n 
A 1 12 GLU 12 912 912 GLU GLU A . n 
A 1 13 ILE 13 913 913 ILE ILE A . n 
A 1 14 LYS 14 914 914 LYS LYS A . n 
A 1 15 ASP 15 915 915 ASP ASP A . n 
A 1 16 TYR 16 916 916 TYR TYR A . n 
A 1 17 LYS 17 917 917 LYS LYS A . n 
A 1 18 ALA 18 918 918 ALA ALA A . n 
A 1 19 ARG 19 919 919 ARG ARG A . n 
A 1 20 LEU 20 920 920 LEU LEU A . n 
A 1 21 THR 21 921 921 THR THR A . n 
A 1 22 CYS 22 922 922 CYS CYS A . n 
A 1 23 PRO 23 923 923 PRO PRO A . n 
A 1 24 CYS 24 924 924 CYS CYS A . n 
A 1 25 CYS 25 925 925 CYS CYS A . n 
A 1 26 ASN 26 926 926 ASN ASN A . n 
A 1 27 MET 27 927 927 MET MET A . n 
A 1 28 ARG 28 928 928 ARG ARG A . n 
A 1 29 LYS 29 929 929 LYS LYS A . n 
A 1 30 LYS 30 930 930 LYS LYS A . n 
A 1 31 ASP 31 931 931 ASP ASP A . n 
A 1 32 ALA 32 932 932 ALA ALA A . n 
A 1 33 VAL 33 933 933 VAL VAL A . n 
A 1 34 LEU 34 934 934 LEU LEU A . n 
A 1 35 THR 35 935 935 THR THR A . n 
A 1 36 LYS 36 936 936 LYS LYS A . n 
A 1 37 CYS 37 937 937 CYS CYS A . n 
A 1 38 PHE 38 938 938 PHE PHE A . n 
A 1 39 HIS 39 939 939 HIS HIS A . n 
A 1 40 VAL 40 940 940 VAL VAL A . n 
A 1 41 PHE 41 941 941 PHE PHE A . n 
A 1 42 CYS 42 942 942 CYS CYS A . n 
A 1 43 PHE 43 943 943 PHE PHE A . n 
A 1 44 GLU 44 944 944 GLU GLU A . n 
A 1 45 CYS 45 945 945 CYS CYS A . n 
A 1 46 VAL 46 946 946 VAL VAL A . n 
A 1 47 LYS 47 947 947 LYS LYS A . n 
A 1 48 THR 48 948 948 THR THR A . n 
A 1 49 ARG 49 949 949 ARG ARG A . n 
A 1 50 TYR 50 950 950 TYR TYR A . n 
A 1 51 ASP 51 951 951 ASP ASP A . n 
A 1 52 THR 52 952 952 THR THR A . n 
A 1 53 ARG 53 953 953 ARG ARG A . n 
A 1 54 GLN 54 954 954 GLN GLN A . n 
A 1 55 ARG 55 955 955 ARG ARG A . n 
A 1 56 LYS 56 956 956 LYS LYS A . n 
A 1 57 CYS 57 957 957 CYS CYS A . n 
A 1 58 PRO 58 958 958 PRO PRO A . n 
A 1 59 LYS 59 959 959 LYS LYS A . n 
A 1 60 CYS 60 960 960 CYS CYS A . n 
A 1 61 ASN 61 961 961 ASN ASN A . n 
A 1 62 ALA 62 962 962 ALA ALA A . n 
A 1 63 ALA 63 963 963 ALA ALA A . n 
A 1 64 PHE 64 964 964 PHE PHE A . n 
A 1 65 GLY 65 965 965 GLY GLY A . n 
A 1 66 ALA 66 966 966 ALA ALA A . n 
A 1 67 ASN 67 967 967 ASN ASN A . n 
A 1 68 ASP 68 968 968 ASP ASP A . n 
A 1 69 PHE 69 969 969 PHE PHE A . n 
A 1 70 HIS 70 970 970 HIS HIS A . n 
A 1 71 ARG 71 971 971 ARG ARG A . n 
A 1 72 ILE 72 972 972 ILE ILE A . n 
A 1 73 TYR 73 973 973 TYR TYR A . n 
A 1 74 ILE 74 974 974 ILE ILE A . n 
A 1 75 GLY 75 975 975 GLY GLY A . n 
# 
loop_
_pdbx_nonpoly_scheme.asym_id 
_pdbx_nonpoly_scheme.entity_id 
_pdbx_nonpoly_scheme.mon_id 
_pdbx_nonpoly_scheme.ndb_seq_num 
_pdbx_nonpoly_scheme.pdb_seq_num 
_pdbx_nonpoly_scheme.auth_seq_num 
_pdbx_nonpoly_scheme.pdb_mon_id 
_pdbx_nonpoly_scheme.auth_mon_id 
_pdbx_nonpoly_scheme.pdb_strand_id 
_pdbx_nonpoly_scheme.pdb_ins_code 
B 2 ZN  1  1001 1001 ZN  ZN  A . 
C 2 ZN  1  1002 1002 ZN  ZN  A . 
D 3 HOH 1  1101 1101 HOH HOH A . 
D 3 HOH 2  1102 1103 HOH HOH A . 
D 3 HOH 3  1103 1102 HOH HOH A . 
D 3 HOH 4  1104 1104 HOH HOH A . 
D 3 HOH 5  1105 1105 HOH HOH A . 
D 3 HOH 6  1106 1108 HOH HOH A . 
D 3 HOH 7  1107 1107 HOH HOH A . 
D 3 HOH 8  1108 1111 HOH HOH A . 
D 3 HOH 9  1109 1106 HOH HOH A . 
D 3 HOH 10 1110 1113 HOH HOH A . 
D 3 HOH 11 1111 1112 HOH HOH A . 
D 3 HOH 12 1112 1109 HOH HOH A . 
D 3 HOH 13 1113 1119 HOH HOH A . 
D 3 HOH 14 1114 1115 HOH HOH A . 
D 3 HOH 15 1115 1116 HOH HOH A . 
D 3 HOH 16 1116 1114 HOH HOH A . 
D 3 HOH 17 1117 1110 HOH HOH A . 
D 3 HOH 18 1118 1122 HOH HOH A . 
D 3 HOH 19 1119 1123 HOH HOH A . 
D 3 HOH 20 1120 1117 HOH HOH A . 
D 3 HOH 21 1121 1118 HOH HOH A . 
D 3 HOH 22 1122 1121 HOH HOH A . 
D 3 HOH 23 1123 1120 HOH HOH A . 
D 3 HOH 24 1124 1124 HOH HOH A . 
D 3 HOH 25 1125 1125 HOH HOH A . 
D 3 HOH 26 1126 1126 HOH HOH A . 
D 3 HOH 27 1127 1127 HOH HOH A . 
D 3 HOH 28 1128 1128 HOH HOH A . 
D 3 HOH 29 1129 1129 HOH HOH A . 
D 3 HOH 30 1130 1130 HOH HOH A . 
# 
loop_
_software.citation_id 
_software.classification 
_software.compiler_name 
_software.compiler_version 
_software.contact_author 
_software.contact_author_email 
_software.date 
_software.description 
_software.dependencies 
_software.hardware 
_software.language 
_software.location 
_software.mods 
_software.name 
_software.os 
_software.os_version 
_software.type 
_software.version 
_software.pdbx_ordinal 
? 'data scaling'    ? ? ? ? ? ? ? ? ? ? ? SCALA       ? ? ? 3.3.22    1 
? refinement        ? ? ? ? ? ? ? ? ? ? ? PHENIX      ? ? ? 1.10_2155 2 
? 'data extraction' ? ? ? ? ? ? ? ? ? ? ? PDB_EXTRACT ? ? ? 3.20      3 
? phasing           ? ? ? ? ? ? ? ? ? ? ? PHENIX      ? ? ? .         4 
? 'data reduction'  ? ? ? ? ? ? ? ? ? ? ? MOSFLM      ? ? ? .         5 
# 
_cell.angle_alpha                  90.000 
_cell.angle_alpha_esd              ? 
_cell.angle_beta                   90.000 
_cell.angle_beta_esd               ? 
_cell.angle_gamma                  90.000 
_cell.angle_gamma_esd              ? 
_cell.entry_id                     5TRB 
_cell.details                      ? 
_cell.formula_units_Z              ? 
_cell.length_a                     34.830 
_cell.length_a_esd                 ? 
_cell.length_b                     61.290 
_cell.length_b_esd                 ? 
_cell.length_c                     78.670 
_cell.length_c_esd                 ? 
_cell.volume                       ? 
_cell.volume_esd                   ? 
_cell.Z_PDB                        8 
_cell.reciprocal_angle_alpha       ? 
_cell.reciprocal_angle_beta        ? 
_cell.reciprocal_angle_gamma       ? 
_cell.reciprocal_angle_alpha_esd   ? 
_cell.reciprocal_angle_beta_esd    ? 
_cell.reciprocal_angle_gamma_esd   ? 
_cell.reciprocal_length_a          ? 
_cell.reciprocal_length_b          ? 
_cell.reciprocal_length_c          ? 
_cell.reciprocal_length_a_esd      ? 
_cell.reciprocal_length_b_esd      ? 
_cell.reciprocal_length_c_esd      ? 
_cell.pdbx_unique_axis             ? 
# 
_symmetry.entry_id                         5TRB 
_symmetry.cell_setting                     ? 
_symmetry.Int_Tables_number                24 
_symmetry.space_group_name_Hall            ? 
_symmetry.space_group_name_H-M             'I 21 21 21' 
_symmetry.pdbx_full_space_group_name_H-M   ? 
# 
_exptl.absorpt_coefficient_mu     ? 
_exptl.absorpt_correction_T_max   ? 
_exptl.absorpt_correction_T_min   ? 
_exptl.absorpt_correction_type    ? 
_exptl.absorpt_process_details    ? 
_exptl.entry_id                   5TRB 
_exptl.crystals_number            1 
_exptl.details                    ? 
_exptl.method                     'X-RAY DIFFRACTION' 
_exptl.method_details             ? 
# 
_exptl_crystal.colour                      ? 
_exptl_crystal.density_diffrn              ? 
_exptl_crystal.density_Matthews            2.56 
_exptl_crystal.density_method              ? 
_exptl_crystal.density_percent_sol         52.02 
_exptl_crystal.description                 ? 
_exptl_crystal.F_000                       ? 
_exptl_crystal.id                          1 
_exptl_crystal.preparation                 ? 
_exptl_crystal.size_max                    ? 
_exptl_crystal.size_mid                    ? 
_exptl_crystal.size_min                    ? 
_exptl_crystal.size_rad                    ? 
_exptl_crystal.colour_lustre               ? 
_exptl_crystal.colour_modifier             ? 
_exptl_crystal.colour_primary              ? 
_exptl_crystal.density_meas                ? 
_exptl_crystal.density_meas_esd            ? 
_exptl_crystal.density_meas_gt             ? 
_exptl_crystal.density_meas_lt             ? 
_exptl_crystal.density_meas_temp           ? 
_exptl_crystal.density_meas_temp_esd       ? 
_exptl_crystal.density_meas_temp_gt        ? 
_exptl_crystal.density_meas_temp_lt        ? 
_exptl_crystal.pdbx_crystal_image_url      ? 
_exptl_crystal.pdbx_crystal_image_format   ? 
_exptl_crystal.pdbx_mosaicity              ? 
_exptl_crystal.pdbx_mosaicity_esd          ? 
# 
_exptl_crystal_grow.apparatus       ? 
_exptl_crystal_grow.atmosphere      ? 
_exptl_crystal_grow.crystal_id      1 
_exptl_crystal_grow.details         ? 
_exptl_crystal_grow.method          'VAPOR DIFFUSION, HANGING DROP' 
_exptl_crystal_grow.method_ref      ? 
_exptl_crystal_grow.pH              6.5 
_exptl_crystal_grow.pressure        ? 
_exptl_crystal_grow.pressure_esd    ? 
_exptl_crystal_grow.seeding         ? 
_exptl_crystal_grow.seeding_ref     ? 
_exptl_crystal_grow.temp            291.0 
_exptl_crystal_grow.temp_details    ? 
_exptl_crystal_grow.temp_esd        ? 
_exptl_crystal_grow.time            ? 
_exptl_crystal_grow.pdbx_details    
;8% (w/v) PEG 4000 (polyethylene glycol 4000), 16% (v/v) glycerol, 0.02 M of each carboxylic acid (sodium formate, ammonium acetate, trisodium citrate and sodium potassium L-tartrate) and 0.1 M MES/Imidazole pH 6.5
;
_exptl_crystal_grow.pdbx_pH_range   ? 
# 
_diffrn.ambient_environment    ? 
_diffrn.ambient_temp           100 
_diffrn.ambient_temp_details   ? 
_diffrn.ambient_temp_esd       ? 
_diffrn.crystal_id             1 
_diffrn.crystal_support        ? 
_diffrn.crystal_treatment      ? 
_diffrn.details                ? 
_diffrn.id                     1 
_diffrn.ambient_pressure       ? 
_diffrn.ambient_pressure_esd   ? 
_diffrn.ambient_pressure_gt    ? 
_diffrn.ambient_pressure_lt    ? 
_diffrn.ambient_temp_gt        ? 
_diffrn.ambient_temp_lt        ? 
# 
_diffrn_detector.details                      ? 
_diffrn_detector.detector                     CCD 
_diffrn_detector.diffrn_id                    1 
_diffrn_detector.type                         'ADSC QUANTUM 315r' 
_diffrn_detector.area_resol_mean              ? 
_diffrn_detector.dtime                        ? 
_diffrn_detector.pdbx_frames_total            ? 
_diffrn_detector.pdbx_collection_time_total   ? 
_diffrn_detector.pdbx_collection_date         2014-02-20 
# 
_diffrn_radiation.collimation                      ? 
_diffrn_radiation.diffrn_id                        1 
_diffrn_radiation.filter_edge                      ? 
_diffrn_radiation.inhomogeneity                    ? 
_diffrn_radiation.monochromator                    ? 
_diffrn_radiation.polarisn_norm                    ? 
_diffrn_radiation.polarisn_ratio                   ? 
_diffrn_radiation.probe                            ? 
_diffrn_radiation.type                             ? 
_diffrn_radiation.xray_symbol                      ? 
_diffrn_radiation.wavelength_id                    1 
_diffrn_radiation.pdbx_monochromatic_or_laue_m_l   M 
_diffrn_radiation.pdbx_wavelength_list             ? 
_diffrn_radiation.pdbx_wavelength                  ? 
_diffrn_radiation.pdbx_diffrn_protocol             MAD 
_diffrn_radiation.pdbx_analyzer                    ? 
_diffrn_radiation.pdbx_scattering_type             x-ray 
# 
loop_
_diffrn_radiation_wavelength.id 
_diffrn_radiation_wavelength.wavelength 
_diffrn_radiation_wavelength.wt 
1 1.2816 1.0 
2 1.2856 1.0 
3 0.9537 1.0 
# 
_diffrn_source.current                     ? 
_diffrn_source.details                     ? 
_diffrn_source.diffrn_id                   1 
_diffrn_source.power                       ? 
_diffrn_source.size                        ? 
_diffrn_source.source                      SYNCHROTRON 
_diffrn_source.target                      ? 
_diffrn_source.type                        'AUSTRALIAN SYNCHROTRON BEAMLINE MX2' 
_diffrn_source.voltage                     ? 
_diffrn_source.take-off_angle              ? 
_diffrn_source.pdbx_wavelength_list        '1.2816, 1.2856, 0.9537' 
_diffrn_source.pdbx_wavelength             ? 
_diffrn_source.pdbx_synchrotron_beamline   MX2 
_diffrn_source.pdbx_synchrotron_site       'Australian Synchrotron' 
# 
_reflns.B_iso_Wilson_estimate            26.280 
_reflns.entry_id                         5TRB 
_reflns.data_reduction_details           ? 
_reflns.data_reduction_method            ? 
_reflns.d_resolution_high                1.800 
_reflns.d_resolution_low                 39.34 
_reflns.details                          ? 
_reflns.limit_h_max                      ? 
_reflns.limit_h_min                      ? 
_reflns.limit_k_max                      ? 
_reflns.limit_k_min                      ? 
_reflns.limit_l_max                      ? 
_reflns.limit_l_min                      ? 
_reflns.number_all                       ? 
_reflns.number_obs                       8140 
_reflns.observed_criterion               ? 
_reflns.observed_criterion_F_max         ? 
_reflns.observed_criterion_F_min         ? 
_reflns.observed_criterion_I_max         ? 
_reflns.observed_criterion_I_min         ? 
_reflns.observed_criterion_sigma_F       ? 
_reflns.observed_criterion_sigma_I       ? 
_reflns.percent_possible_obs             100.000 
_reflns.R_free_details                   ? 
_reflns.Rmerge_F_all                     ? 
_reflns.Rmerge_F_obs                     ? 
_reflns.Friedel_coverage                 ? 
_reflns.number_gt                        ? 
_reflns.threshold_expression             ? 
_reflns.pdbx_redundancy                  9.100 
_reflns.pdbx_Rmerge_I_obs                ? 
_reflns.pdbx_Rmerge_I_all                ? 
_reflns.pdbx_Rsym_value                  0.097 
_reflns.pdbx_netI_over_av_sigmaI         5.497 
_reflns.pdbx_netI_over_sigmaI            13.800 
_reflns.pdbx_res_netI_over_av_sigmaI_2   ? 
_reflns.pdbx_res_netI_over_sigmaI_2      ? 
_reflns.pdbx_chi_squared                 ? 
_reflns.pdbx_scaling_rejects             ? 
_reflns.pdbx_d_res_high_opt              ? 
_reflns.pdbx_d_res_low_opt               ? 
_reflns.pdbx_d_res_opt_method            ? 
_reflns.phase_calculation_details        ? 
_reflns.pdbx_Rrim_I_all                  ? 
_reflns.pdbx_Rpim_I_all                  ? 
_reflns.pdbx_d_opt                       ? 
_reflns.pdbx_number_measured_all         ? 
_reflns.pdbx_diffrn_id                   1 
_reflns.pdbx_ordinal                     1 
_reflns.pdbx_CC_half                     ? 
_reflns.pdbx_R_split                     ? 
# 
loop_
_reflns_shell.d_res_high 
_reflns_shell.d_res_low 
_reflns_shell.meanI_over_sigI_all 
_reflns_shell.meanI_over_sigI_obs 
_reflns_shell.number_measured_all 
_reflns_shell.number_measured_obs 
_reflns_shell.number_possible 
_reflns_shell.number_unique_all 
_reflns_shell.number_unique_obs 
_reflns_shell.percent_possible_all 
_reflns_shell.percent_possible_obs 
_reflns_shell.Rmerge_F_all 
_reflns_shell.Rmerge_F_obs 
_reflns_shell.Rmerge_I_all 
_reflns_shell.Rmerge_I_obs 
_reflns_shell.meanI_over_sigI_gt 
_reflns_shell.meanI_over_uI_all 
_reflns_shell.meanI_over_uI_gt 
_reflns_shell.number_measured_gt 
_reflns_shell.number_unique_gt 
_reflns_shell.percent_possible_gt 
_reflns_shell.Rmerge_F_gt 
_reflns_shell.Rmerge_I_gt 
_reflns_shell.pdbx_redundancy 
_reflns_shell.pdbx_Rsym_value 
_reflns_shell.pdbx_chi_squared 
_reflns_shell.pdbx_netI_over_sigmaI_all 
_reflns_shell.pdbx_netI_over_sigmaI_obs 
_reflns_shell.pdbx_Rrim_I_all 
_reflns_shell.pdbx_Rpim_I_all 
_reflns_shell.pdbx_rejects 
_reflns_shell.pdbx_ordinal 
_reflns_shell.pdbx_diffrn_id 
_reflns_shell.pdbx_CC_half 
_reflns_shell.pdbx_R_split 
1.800 1.900 ? 0.600  ? ? ? ? ? 100.0   ? ? ? ? 1.074 ? ? ? ? ? ? ? ? 9.400 ? ? ? ? ? ? ? 1  1 ? ? 
1.900 2.010 ? 1.000  ? ? ? ? ? 100.000 ? ? ? ? 0.640 ? ? ? ? ? ? ? ? 9.300 ? ? ? ? ? ? ? 2  1 ? ? 
2.010 2.150 ? 2.000  ? ? ? ? ? 100.000 ? ? ? ? 0.338 ? ? ? ? ? ? ? ? 9.300 ? ? ? ? ? ? ? 3  1 ? ? 
2.150 2.320 ? 3.000  ? ? ? ? ? 100.000 ? ? ? ? 0.224 ? ? ? ? ? ? ? ? 9.300 ? ? ? ? ? ? ? 4  1 ? ? 
2.320 2.550 ? 4.900  ? ? ? ? ? 100.000 ? ? ? ? 0.142 ? ? ? ? ? ? ? ? 9.300 ? ? ? ? ? ? ? 5  1 ? ? 
2.550 2.850 ? 7.700  ? ? ? ? ? 100.000 ? ? ? ? 0.091 ? ? ? ? ? ? ? ? 9.100 ? ? ? ? ? ? ? 6  1 ? ? 
2.850 3.290 ? 9.100  ? ? ? ? ? 100.000 ? ? ? ? 0.070 ? ? ? ? ? ? ? ? 8.900 ? ? ? ? ? ? ? 7  1 ? ? 
3.290 4.030 ? 9.800  ? ? ? ? ? 100.000 ? ? ? ? 0.061 ? ? ? ? ? ? ? ? 8.600 ? ? ? ? ? ? ? 8  1 ? ? 
4.030 5.690 ? 11.200 ? ? ? ? ? 100.000 ? ? ? ? 0.054 ? ? ? ? ? ? ? ? 8.100 ? ? ? ? ? ? ? 9  1 ? ? 
1.80  5.690 ? 14.500 ? ? ? ? ? 99.100  ? ? ? ? 0.039 ? ? ? ? ? ? ? ? 7.700 ? ? ? ? ? ? ? 10 1 ? ? 
# 
_refine.aniso_B[1][1]                            ? 
_refine.aniso_B[1][2]                            ? 
_refine.aniso_B[1][3]                            ? 
_refine.aniso_B[2][2]                            ? 
_refine.aniso_B[2][3]                            ? 
_refine.aniso_B[3][3]                            ? 
_refine.B_iso_max                                62.650 
_refine.B_iso_mean                               30.8300 
_refine.B_iso_min                                19.280 
_refine.correlation_coeff_Fo_to_Fc               ? 
_refine.correlation_coeff_Fo_to_Fc_free          ? 
_refine.details                                  ? 
_refine.diff_density_max                         ? 
_refine.diff_density_max_esd                     ? 
_refine.diff_density_min                         ? 
_refine.diff_density_min_esd                     ? 
_refine.diff_density_rms                         ? 
_refine.diff_density_rms_esd                     ? 
_refine.entry_id                                 5TRB 
_refine.pdbx_refine_id                           'X-RAY DIFFRACTION' 
_refine.ls_abs_structure_details                 ? 
_refine.ls_abs_structure_Flack                   ? 
_refine.ls_abs_structure_Flack_esd               ? 
_refine.ls_abs_structure_Rogers                  ? 
_refine.ls_abs_structure_Rogers_esd              ? 
_refine.ls_d_res_high                            1.8000 
_refine.ls_d_res_low                             39.3350 
_refine.ls_extinction_coef                       ? 
_refine.ls_extinction_coef_esd                   ? 
_refine.ls_extinction_expression                 ? 
_refine.ls_extinction_method                     ? 
_refine.ls_goodness_of_fit_all                   ? 
_refine.ls_goodness_of_fit_all_esd               ? 
_refine.ls_goodness_of_fit_obs                   ? 
_refine.ls_goodness_of_fit_obs_esd               ? 
_refine.ls_hydrogen_treatment                    ? 
_refine.ls_matrix_type                           ? 
_refine.ls_number_constraints                    ? 
_refine.ls_number_parameters                     ? 
_refine.ls_number_reflns_all                     ? 
_refine.ls_number_reflns_obs                     8140 
_refine.ls_number_reflns_R_free                  384 
_refine.ls_number_reflns_R_work                  ? 
_refine.ls_number_restraints                     ? 
_refine.ls_percent_reflns_obs                    99.9100 
_refine.ls_percent_reflns_R_free                 4.7200 
_refine.ls_R_factor_all                          ? 
_refine.ls_R_factor_obs                          0.2166 
_refine.ls_R_factor_R_free                       0.2355 
_refine.ls_R_factor_R_free_error                 ? 
_refine.ls_R_factor_R_free_error_details         ? 
_refine.ls_R_factor_R_work                       0.2156 
_refine.ls_R_Fsqd_factor_obs                     ? 
_refine.ls_R_I_factor_obs                        ? 
_refine.ls_redundancy_reflns_all                 ? 
_refine.ls_redundancy_reflns_obs                 ? 
_refine.ls_restrained_S_all                      ? 
_refine.ls_restrained_S_obs                      ? 
_refine.ls_shift_over_esd_max                    ? 
_refine.ls_shift_over_esd_mean                   ? 
_refine.ls_structure_factor_coef                 ? 
_refine.ls_weighting_details                     ? 
_refine.ls_weighting_scheme                      ? 
_refine.ls_wR_factor_all                         ? 
_refine.ls_wR_factor_obs                         ? 
_refine.ls_wR_factor_R_free                      ? 
_refine.ls_wR_factor_R_work                      ? 
_refine.occupancy_max                            ? 
_refine.occupancy_min                            ? 
_refine.solvent_model_details                    ? 
_refine.solvent_model_param_bsol                 ? 
_refine.solvent_model_param_ksol                 ? 
_refine.ls_R_factor_gt                           ? 
_refine.ls_goodness_of_fit_gt                    ? 
_refine.ls_goodness_of_fit_ref                   ? 
_refine.ls_shift_over_su_max                     ? 
_refine.ls_shift_over_su_max_lt                  ? 
_refine.ls_shift_over_su_mean                    ? 
_refine.ls_shift_over_su_mean_lt                 ? 
_refine.pdbx_ls_sigma_I                          ? 
_refine.pdbx_ls_sigma_F                          1.340 
_refine.pdbx_ls_sigma_Fsqd                       ? 
_refine.pdbx_data_cutoff_high_absF               ? 
_refine.pdbx_data_cutoff_high_rms_absF           ? 
_refine.pdbx_data_cutoff_low_absF                ? 
_refine.pdbx_isotropic_thermal_model             ? 
_refine.pdbx_ls_cross_valid_method               'FREE R-VALUE' 
_refine.pdbx_method_to_determine_struct          MAD 
_refine.pdbx_starting_model                      ? 
_refine.pdbx_stereochemistry_target_values       ? 
_refine.pdbx_R_Free_selection_details            ? 
_refine.pdbx_stereochem_target_val_spec_case     ? 
_refine.pdbx_overall_ESU_R                       ? 
_refine.pdbx_overall_ESU_R_Free                  ? 
_refine.pdbx_solvent_vdw_probe_radii             1.1100 
_refine.pdbx_solvent_ion_probe_radii             ? 
_refine.pdbx_solvent_shrinkage_radii             0.9000 
_refine.pdbx_real_space_R                        ? 
_refine.pdbx_density_correlation                 ? 
_refine.pdbx_pd_number_of_powder_patterns        ? 
_refine.pdbx_pd_number_of_points                 ? 
_refine.pdbx_pd_meas_number_of_points            ? 
_refine.pdbx_pd_proc_ls_prof_R_factor            ? 
_refine.pdbx_pd_proc_ls_prof_wR_factor           ? 
_refine.pdbx_pd_Marquardt_correlation_coeff      ? 
_refine.pdbx_pd_Fsqrd_R_factor                   ? 
_refine.pdbx_pd_ls_matrix_band_width             ? 
_refine.pdbx_overall_phase_error                 29.9900 
_refine.pdbx_overall_SU_R_free_Cruickshank_DPI   ? 
_refine.pdbx_overall_SU_R_free_Blow_DPI          ? 
_refine.pdbx_overall_SU_R_Blow_DPI               ? 
_refine.pdbx_TLS_residual_ADP_flag               ? 
_refine.pdbx_diffrn_id                           1 
_refine.overall_SU_B                             ? 
_refine.overall_SU_ML                            0.2300 
_refine.overall_SU_R_Cruickshank_DPI             ? 
_refine.overall_SU_R_free                        ? 
_refine.overall_FOM_free_R_set                   ? 
_refine.overall_FOM_work_R_set                   ? 
_refine.pdbx_average_fsc_overall                 ? 
_refine.pdbx_average_fsc_work                    ? 
_refine.pdbx_average_fsc_free                    ? 
# 
_refine_hist.cycle_id                         final 
_refine_hist.pdbx_refine_id                   'X-RAY DIFFRACTION' 
_refine_hist.d_res_high                       1.8000 
_refine_hist.d_res_low                        39.3350 
_refine_hist.pdbx_number_atoms_ligand         2 
_refine_hist.number_atoms_solvent             30 
_refine_hist.number_atoms_total               599 
_refine_hist.pdbx_number_residues_total       69 
_refine_hist.pdbx_B_iso_mean_ligand           25.26 
_refine_hist.pdbx_B_iso_mean_solvent          35.20 
_refine_hist.pdbx_number_atoms_protein        567 
_refine_hist.pdbx_number_atoms_nucleic_acid   0 
# 
loop_
_refine_ls_restr.pdbx_refine_id 
_refine_ls_restr.criterion 
_refine_ls_restr.dev_ideal 
_refine_ls_restr.dev_ideal_target 
_refine_ls_restr.number 
_refine_ls_restr.rejects 
_refine_ls_restr.type 
_refine_ls_restr.weight 
_refine_ls_restr.pdbx_restraint_function 
'X-RAY DIFFRACTION' ? 0.008 ? 578 ? f_bond_d           ? ? 
'X-RAY DIFFRACTION' ? 0.844 ? 772 ? f_angle_d          ? ? 
'X-RAY DIFFRACTION' ? 0.056 ? 81  ? f_chiral_restr     ? ? 
'X-RAY DIFFRACTION' ? 0.005 ? 99  ? f_plane_restr      ? ? 
'X-RAY DIFFRACTION' ? 9.607 ? 358 ? f_dihedral_angle_d ? ? 
# 
loop_
_refine_ls_shell.pdbx_refine_id 
_refine_ls_shell.d_res_high 
_refine_ls_shell.d_res_low 
_refine_ls_shell.number_reflns_all 
_refine_ls_shell.number_reflns_obs 
_refine_ls_shell.number_reflns_R_free 
_refine_ls_shell.number_reflns_R_work 
_refine_ls_shell.percent_reflns_obs 
_refine_ls_shell.percent_reflns_R_free 
_refine_ls_shell.R_factor_all 
_refine_ls_shell.R_factor_obs 
_refine_ls_shell.R_factor_R_free 
_refine_ls_shell.R_factor_R_free_error 
_refine_ls_shell.R_factor_R_work 
_refine_ls_shell.redundancy_reflns_all 
_refine_ls_shell.redundancy_reflns_obs 
_refine_ls_shell.wR_factor_all 
_refine_ls_shell.wR_factor_obs 
_refine_ls_shell.wR_factor_R_free 
_refine_ls_shell.wR_factor_R_work 
_refine_ls_shell.pdbx_total_number_of_bins_used 
_refine_ls_shell.pdbx_phase_error 
_refine_ls_shell.pdbx_fsc_work 
_refine_ls_shell.pdbx_fsc_free 
'X-RAY DIFFRACTION' 1.80   2.5960 . . 138 2667 100.0000 . . . 0.2156 . 0.1979 . . . . . . . . . . 
'X-RAY DIFFRACTION' 1.8001 2.0605 . . 115 2552 100.0000 . . . 0.3100 . 0.2596 . . . . . . . . . . 
'X-RAY DIFFRACTION' 2.0605 2.5960 . . 131 2537 100.0000 . . . 0.2536 . 0.2414 . . . . . . . . . . 
# 
_struct.entry_id                     5TRB 
_struct.title                        'Crystal structure of the RNF20 RING domain' 
_struct.pdbx_model_details           ? 
_struct.pdbx_formula_weight          ? 
_struct.pdbx_formula_weight_method   ? 
_struct.pdbx_model_type_details      ? 
_struct.pdbx_CASP_flag               N 
# 
_struct_keywords.entry_id        5TRB 
_struct_keywords.text            LIGASE 
_struct_keywords.pdbx_keywords   LIGASE 
# 
loop_
_struct_asym.id 
_struct_asym.pdbx_blank_PDB_chainid_flag 
_struct_asym.pdbx_modified 
_struct_asym.entity_id 
_struct_asym.details 
A N N 1 ? 
B N N 2 ? 
C N N 2 ? 
D N N 3 ? 
# 
_struct_ref.id                         1 
_struct_ref.db_name                    UNP 
_struct_ref.db_code                    BRE1A_HUMAN 
_struct_ref.pdbx_db_accession          Q5VTR2 
_struct_ref.pdbx_db_isoform            ? 
_struct_ref.entity_id                  1 
_struct_ref.pdbx_seq_one_letter_code   DEILMEEIKDYKARLTCPCCNMRKKDAVLTKCFHVFCFECVKTRYDTRQRKCPKCNAAFGANDFHRIYIG 
_struct_ref.pdbx_align_begin           906 
# 
_struct_ref_seq.align_id                      1 
_struct_ref_seq.ref_id                        1 
_struct_ref_seq.pdbx_PDB_id_code              5TRB 
_struct_ref_seq.pdbx_strand_id                A 
_struct_ref_seq.seq_align_beg                 6 
_struct_ref_seq.pdbx_seq_align_beg_ins_code   ? 
_struct_ref_seq.seq_align_end                 75 
_struct_ref_seq.pdbx_seq_align_end_ins_code   ? 
_struct_ref_seq.pdbx_db_accession             Q5VTR2 
_struct_ref_seq.db_align_beg                  906 
_struct_ref_seq.pdbx_db_align_beg_ins_code    ? 
_struct_ref_seq.db_align_end                  975 
_struct_ref_seq.pdbx_db_align_end_ins_code    ? 
_struct_ref_seq.pdbx_auth_seq_align_beg       906 
_struct_ref_seq.pdbx_auth_seq_align_end       975 
# 
loop_
_struct_ref_seq_dif.align_id 
_struct_ref_seq_dif.pdbx_pdb_id_code 
_struct_ref_seq_dif.mon_id 
_struct_ref_seq_dif.pdbx_pdb_strand_id 
_struct_ref_seq_dif.seq_num 
_struct_ref_seq_dif.pdbx_pdb_ins_code 
_struct_ref_seq_dif.pdbx_seq_db_name 
_struct_ref_seq_dif.pdbx_seq_db_accession_code 
_struct_ref_seq_dif.db_mon_id 
_struct_ref_seq_dif.pdbx_seq_db_seq_num 
_struct_ref_seq_dif.details 
_struct_ref_seq_dif.pdbx_auth_seq_num 
_struct_ref_seq_dif.pdbx_ordinal 
1 5TRB GLY A 1 ? UNP Q5VTR2 ? ? 'expression tag' 901 1 
1 5TRB PRO A 2 ? UNP Q5VTR2 ? ? 'expression tag' 902 2 
1 5TRB LEU A 3 ? UNP Q5VTR2 ? ? 'expression tag' 903 3 
1 5TRB GLY A 4 ? UNP Q5VTR2 ? ? 'expression tag' 904 4 
1 5TRB SER A 5 ? UNP Q5VTR2 ? ? 'expression tag' 905 5 
# 
_pdbx_struct_assembly.id                   1 
_pdbx_struct_assembly.details              author_and_software_defined_assembly 
_pdbx_struct_assembly.method_details       PISA 
_pdbx_struct_assembly.oligomeric_details   dimeric 
_pdbx_struct_assembly.oligomeric_count     2 
# 
loop_
_pdbx_struct_assembly_prop.biol_id 
_pdbx_struct_assembly_prop.type 
_pdbx_struct_assembly_prop.value 
_pdbx_struct_assembly_prop.details 
1 'ABSA (A^2)' 1850 ? 
1 MORE         -17  ? 
1 'SSA (A^2)'  8600 ? 
# 
_pdbx_struct_assembly_gen.assembly_id       1 
_pdbx_struct_assembly_gen.oper_expression   1,2 
_pdbx_struct_assembly_gen.asym_id_list      A,B,C,D 
# 
loop_
_pdbx_struct_oper_list.id 
_pdbx_struct_oper_list.type 
_pdbx_struct_oper_list.name 
_pdbx_struct_oper_list.symmetry_operation 
_pdbx_struct_oper_list.matrix[1][1] 
_pdbx_struct_oper_list.matrix[1][2] 
_pdbx_struct_oper_list.matrix[1][3] 
_pdbx_struct_oper_list.vector[1] 
_pdbx_struct_oper_list.matrix[2][1] 
_pdbx_struct_oper_list.matrix[2][2] 
_pdbx_struct_oper_list.matrix[2][3] 
_pdbx_struct_oper_list.vector[2] 
_pdbx_struct_oper_list.matrix[3][1] 
_pdbx_struct_oper_list.matrix[3][2] 
_pdbx_struct_oper_list.matrix[3][3] 
_pdbx_struct_oper_list.vector[3] 
1 'identity operation'         1_555 x,y,z         1.0000000000  0.0000000000 0.0000000000 0.0000000000 0.0000000000 1.0000000000 0.0000000000 0.0000000000 0.0000000000 0.0000000000 1.0000000000  0.0000000000   
2 'crystal symmetry operation' 7_556 -x+1/2,y,-z+1 -0.9664791906 0.2526262252 0.0458035419 6.0255531699 0.2526262252 0.9038922636 0.3451938096 2.2066183885 0.0458035419 0.3451938096 -0.9374130730 -16.5801827014 
# 
loop_
_struct_conf.conf_type_id 
_struct_conf.id 
_struct_conf.pdbx_PDB_helix_id 
_struct_conf.beg_label_comp_id 
_struct_conf.beg_label_asym_id 
_struct_conf.beg_label_seq_id 
_struct_conf.pdbx_beg_PDB_ins_code 
_struct_conf.end_label_comp_id 
_struct_conf.end_label_asym_id 
_struct_conf.end_label_seq_id 
_struct_conf.pdbx_end_PDB_ins_code 
_struct_conf.beg_auth_comp_id 
_struct_conf.beg_auth_asym_id 
_struct_conf.beg_auth_seq_id 
_struct_conf.end_auth_comp_id 
_struct_conf.end_auth_asym_id 
_struct_conf.end_auth_seq_id 
_struct_conf.pdbx_PDB_helix_class 
_struct_conf.details 
_struct_conf.pdbx_PDB_helix_length 
HELX_P HELX_P1 AA1 GLU A 7  ? THR A 21 ? GLU A 907 THR A 921 1 ? 15 
HELX_P HELX_P2 AA2 CYS A 42 ? THR A 52 ? CYS A 942 THR A 952 1 ? 11 
# 
_struct_conf_type.id          HELX_P 
_struct_conf_type.criteria    ? 
_struct_conf_type.reference   ? 
# 
loop_
_struct_conn.id 
_struct_conn.conn_type_id 
_struct_conn.pdbx_leaving_atom_flag 
_struct_conn.pdbx_PDB_id 
_struct_conn.ptnr1_label_asym_id 
_struct_conn.ptnr1_label_comp_id 
_struct_conn.ptnr1_label_seq_id 
_struct_conn.ptnr1_label_atom_id 
_struct_conn.pdbx_ptnr1_label_alt_id 
_struct_conn.pdbx_ptnr1_PDB_ins_code 
_struct_conn.pdbx_ptnr1_standard_comp_id 
_struct_conn.ptnr1_symmetry 
_struct_conn.ptnr2_label_asym_id 
_struct_conn.ptnr2_label_comp_id 
_struct_conn.ptnr2_label_seq_id 
_struct_conn.ptnr2_label_atom_id 
_struct_conn.pdbx_ptnr2_label_alt_id 
_struct_conn.pdbx_ptnr2_PDB_ins_code 
_struct_conn.ptnr1_auth_asym_id 
_struct_conn.ptnr1_auth_comp_id 
_struct_conn.ptnr1_auth_seq_id 
_struct_conn.ptnr2_auth_asym_id 
_struct_conn.ptnr2_auth_comp_id 
_struct_conn.ptnr2_auth_seq_id 
_struct_conn.ptnr2_symmetry 
_struct_conn.pdbx_ptnr3_label_atom_id 
_struct_conn.pdbx_ptnr3_label_seq_id 
_struct_conn.pdbx_ptnr3_label_comp_id 
_struct_conn.pdbx_ptnr3_label_asym_id 
_struct_conn.pdbx_ptnr3_label_alt_id 
_struct_conn.pdbx_ptnr3_PDB_ins_code 
_struct_conn.details 
_struct_conn.pdbx_dist_value 
_struct_conn.pdbx_value_order 
_struct_conn.pdbx_role 
metalc1 metalc ? ? A CYS 22 SG  ? ? ? 1_555 B ZN . ZN ? ? A CYS 922 A ZN 1001 1_555 ? ? ? ? ? ? ? 2.276 ? ? 
metalc2 metalc ? ? A CYS 25 SG  ? ? ? 1_555 B ZN . ZN ? ? A CYS 925 A ZN 1001 1_555 ? ? ? ? ? ? ? 2.326 ? ? 
metalc3 metalc ? ? A CYS 37 SG  ? ? ? 1_555 C ZN . ZN ? ? A CYS 937 A ZN 1002 1_555 ? ? ? ? ? ? ? 2.293 ? ? 
metalc4 metalc ? ? A HIS 39 ND1 ? ? ? 1_555 C ZN . ZN ? ? A HIS 939 A ZN 1002 1_555 ? ? ? ? ? ? ? 2.090 ? ? 
metalc5 metalc ? ? A CYS 42 SG  ? ? ? 1_555 B ZN . ZN ? ? A CYS 942 A ZN 1001 1_555 ? ? ? ? ? ? ? 2.315 ? ? 
metalc6 metalc ? ? A CYS 45 SG  ? ? ? 1_555 B ZN . ZN ? ? A CYS 945 A ZN 1001 1_555 ? ? ? ? ? ? ? 2.331 ? ? 
metalc7 metalc ? ? A CYS 57 SG  ? ? ? 1_555 C ZN . ZN ? ? A CYS 957 A ZN 1002 1_555 ? ? ? ? ? ? ? 2.179 ? ? 
metalc8 metalc ? ? A CYS 60 SG  ? ? ? 1_555 C ZN . ZN ? ? A CYS 960 A ZN 1002 1_555 ? ? ? ? ? ? ? 2.393 ? ? 
# 
_struct_conn_type.id          metalc 
_struct_conn_type.criteria    ? 
_struct_conn_type.reference   ? 
# 
loop_
_pdbx_struct_conn_angle.id 
_pdbx_struct_conn_angle.ptnr1_label_atom_id 
_pdbx_struct_conn_angle.ptnr1_label_alt_id 
_pdbx_struct_conn_angle.ptnr1_label_asym_id 
_pdbx_struct_conn_angle.ptnr1_label_comp_id 
_pdbx_struct_conn_angle.ptnr1_label_seq_id 
_pdbx_struct_conn_angle.ptnr1_auth_atom_id 
_pdbx_struct_conn_angle.ptnr1_auth_asym_id 
_pdbx_struct_conn_angle.ptnr1_auth_comp_id 
_pdbx_struct_conn_angle.ptnr1_auth_seq_id 
_pdbx_struct_conn_angle.ptnr1_PDB_ins_code 
_pdbx_struct_conn_angle.ptnr1_symmetry 
_pdbx_struct_conn_angle.ptnr2_label_atom_id 
_pdbx_struct_conn_angle.ptnr2_label_alt_id 
_pdbx_struct_conn_angle.ptnr2_label_asym_id 
_pdbx_struct_conn_angle.ptnr2_label_comp_id 
_pdbx_struct_conn_angle.ptnr2_label_seq_id 
_pdbx_struct_conn_angle.ptnr2_auth_atom_id 
_pdbx_struct_conn_angle.ptnr2_auth_asym_id 
_pdbx_struct_conn_angle.ptnr2_auth_comp_id 
_pdbx_struct_conn_angle.ptnr2_auth_seq_id 
_pdbx_struct_conn_angle.ptnr2_PDB_ins_code 
_pdbx_struct_conn_angle.ptnr2_symmetry 
_pdbx_struct_conn_angle.ptnr3_label_atom_id 
_pdbx_struct_conn_angle.ptnr3_label_alt_id 
_pdbx_struct_conn_angle.ptnr3_label_asym_id 
_pdbx_struct_conn_angle.ptnr3_label_comp_id 
_pdbx_struct_conn_angle.ptnr3_label_seq_id 
_pdbx_struct_conn_angle.ptnr3_auth_atom_id 
_pdbx_struct_conn_angle.ptnr3_auth_asym_id 
_pdbx_struct_conn_angle.ptnr3_auth_comp_id 
_pdbx_struct_conn_angle.ptnr3_auth_seq_id 
_pdbx_struct_conn_angle.ptnr3_PDB_ins_code 
_pdbx_struct_conn_angle.ptnr3_symmetry 
_pdbx_struct_conn_angle.value 
_pdbx_struct_conn_angle.value_esd 
1  SG  ? A CYS 22 ? A CYS 922 ? 1_555 ZN ? B ZN . ? A ZN 1001 ? 1_555 SG  ? A CYS 25 ? A CYS 925 ? 1_555 109.0 ? 
2  SG  ? A CYS 22 ? A CYS 922 ? 1_555 ZN ? B ZN . ? A ZN 1001 ? 1_555 SG  ? A CYS 42 ? A CYS 942 ? 1_555 113.1 ? 
3  SG  ? A CYS 25 ? A CYS 925 ? 1_555 ZN ? B ZN . ? A ZN 1001 ? 1_555 SG  ? A CYS 42 ? A CYS 942 ? 1_555 110.4 ? 
4  SG  ? A CYS 22 ? A CYS 922 ? 1_555 ZN ? B ZN . ? A ZN 1001 ? 1_555 SG  ? A CYS 45 ? A CYS 945 ? 1_555 117.9 ? 
5  SG  ? A CYS 25 ? A CYS 925 ? 1_555 ZN ? B ZN . ? A ZN 1001 ? 1_555 SG  ? A CYS 45 ? A CYS 945 ? 1_555 108.6 ? 
6  SG  ? A CYS 42 ? A CYS 942 ? 1_555 ZN ? B ZN . ? A ZN 1001 ? 1_555 SG  ? A CYS 45 ? A CYS 945 ? 1_555 97.2  ? 
7  SG  ? A CYS 37 ? A CYS 937 ? 1_555 ZN ? C ZN . ? A ZN 1002 ? 1_555 ND1 ? A HIS 39 ? A HIS 939 ? 1_555 106.2 ? 
8  SG  ? A CYS 37 ? A CYS 937 ? 1_555 ZN ? C ZN . ? A ZN 1002 ? 1_555 SG  ? A CYS 57 ? A CYS 957 ? 1_555 111.7 ? 
9  ND1 ? A HIS 39 ? A HIS 939 ? 1_555 ZN ? C ZN . ? A ZN 1002 ? 1_555 SG  ? A CYS 57 ? A CYS 957 ? 1_555 111.0 ? 
10 SG  ? A CYS 37 ? A CYS 937 ? 1_555 ZN ? C ZN . ? A ZN 1002 ? 1_555 SG  ? A CYS 60 ? A CYS 960 ? 1_555 108.3 ? 
11 ND1 ? A HIS 39 ? A HIS 939 ? 1_555 ZN ? C ZN . ? A ZN 1002 ? 1_555 SG  ? A CYS 60 ? A CYS 960 ? 1_555 109.5 ? 
12 SG  ? A CYS 57 ? A CYS 957 ? 1_555 ZN ? C ZN . ? A ZN 1002 ? 1_555 SG  ? A CYS 60 ? A CYS 960 ? 1_555 110.0 ? 
# 
_struct_sheet.id               AA1 
_struct_sheet.type             ? 
_struct_sheet.number_strands   3 
_struct_sheet.details          ? 
# 
loop_
_struct_sheet_order.sheet_id 
_struct_sheet_order.range_id_1 
_struct_sheet_order.range_id_2 
_struct_sheet_order.offset 
_struct_sheet_order.sense 
AA1 1 2 ? anti-parallel 
AA1 2 3 ? anti-parallel 
# 
loop_
_struct_sheet_range.sheet_id 
_struct_sheet_range.id 
_struct_sheet_range.beg_label_comp_id 
_struct_sheet_range.beg_label_asym_id 
_struct_sheet_range.beg_label_seq_id 
_struct_sheet_range.pdbx_beg_PDB_ins_code 
_struct_sheet_range.end_label_comp_id 
_struct_sheet_range.end_label_asym_id 
_struct_sheet_range.end_label_seq_id 
_struct_sheet_range.pdbx_end_PDB_ins_code 
_struct_sheet_range.beg_auth_comp_id 
_struct_sheet_range.beg_auth_asym_id 
_struct_sheet_range.beg_auth_seq_id 
_struct_sheet_range.end_auth_comp_id 
_struct_sheet_range.end_auth_asym_id 
_struct_sheet_range.end_auth_seq_id 
AA1 1 VAL A 40 ? PHE A 41 ? VAL A 940 PHE A 941 
AA1 2 ALA A 32 ? LEU A 34 ? ALA A 932 LEU A 934 
AA1 3 PHE A 69 ? ARG A 71 ? PHE A 969 ARG A 971 
# 
loop_
_pdbx_struct_sheet_hbond.sheet_id 
_pdbx_struct_sheet_hbond.range_id_1 
_pdbx_struct_sheet_hbond.range_id_2 
_pdbx_struct_sheet_hbond.range_1_label_atom_id 
_pdbx_struct_sheet_hbond.range_1_label_comp_id 
_pdbx_struct_sheet_hbond.range_1_label_asym_id 
_pdbx_struct_sheet_hbond.range_1_label_seq_id 
_pdbx_struct_sheet_hbond.range_1_PDB_ins_code 
_pdbx_struct_sheet_hbond.range_1_auth_atom_id 
_pdbx_struct_sheet_hbond.range_1_auth_comp_id 
_pdbx_struct_sheet_hbond.range_1_auth_asym_id 
_pdbx_struct_sheet_hbond.range_1_auth_seq_id 
_pdbx_struct_sheet_hbond.range_2_label_atom_id 
_pdbx_struct_sheet_hbond.range_2_label_comp_id 
_pdbx_struct_sheet_hbond.range_2_label_asym_id 
_pdbx_struct_sheet_hbond.range_2_label_seq_id 
_pdbx_struct_sheet_hbond.range_2_PDB_ins_code 
_pdbx_struct_sheet_hbond.range_2_auth_atom_id 
_pdbx_struct_sheet_hbond.range_2_auth_comp_id 
_pdbx_struct_sheet_hbond.range_2_auth_asym_id 
_pdbx_struct_sheet_hbond.range_2_auth_seq_id 
AA1 1 2 O PHE A 41 ? O PHE A 941 N ALA A 32 ? N ALA A 932 
AA1 2 3 N VAL A 33 ? N VAL A 933 O HIS A 70 ? O HIS A 970 
# 
loop_
_struct_site.id 
_struct_site.pdbx_evidence_code 
_struct_site.pdbx_auth_asym_id 
_struct_site.pdbx_auth_comp_id 
_struct_site.pdbx_auth_seq_id 
_struct_site.pdbx_auth_ins_code 
_struct_site.pdbx_num_residues 
_struct_site.details 
AC1 Software A ZN 1001 ? 4 'binding site for residue ZN A 1001' 
AC2 Software A ZN 1002 ? 4 'binding site for residue ZN A 1002' 
# 
loop_
_struct_site_gen.id 
_struct_site_gen.site_id 
_struct_site_gen.pdbx_num_res 
_struct_site_gen.label_comp_id 
_struct_site_gen.label_asym_id 
_struct_site_gen.label_seq_id 
_struct_site_gen.pdbx_auth_ins_code 
_struct_site_gen.auth_comp_id 
_struct_site_gen.auth_asym_id 
_struct_site_gen.auth_seq_id 
_struct_site_gen.label_atom_id 
_struct_site_gen.label_alt_id 
_struct_site_gen.symmetry 
_struct_site_gen.details 
1 AC1 4 CYS A 22 ? CYS A 922 . ? 1_555 ? 
2 AC1 4 CYS A 25 ? CYS A 925 . ? 1_555 ? 
3 AC1 4 CYS A 42 ? CYS A 942 . ? 1_555 ? 
4 AC1 4 CYS A 45 ? CYS A 945 . ? 1_555 ? 
5 AC2 4 CYS A 37 ? CYS A 937 . ? 1_555 ? 
6 AC2 4 HIS A 39 ? HIS A 939 . ? 1_555 ? 
7 AC2 4 CYS A 57 ? CYS A 957 . ? 1_555 ? 
8 AC2 4 CYS A 60 ? CYS A 960 . ? 1_555 ? 
# 
loop_
_pdbx_validate_torsion.id 
_pdbx_validate_torsion.PDB_model_num 
_pdbx_validate_torsion.auth_comp_id 
_pdbx_validate_torsion.auth_asym_id 
_pdbx_validate_torsion.auth_seq_id 
_pdbx_validate_torsion.PDB_ins_code 
_pdbx_validate_torsion.label_alt_id 
_pdbx_validate_torsion.phi 
_pdbx_validate_torsion.psi 
1 1 MET A 927 ? ? -144.05 -58.68 
2 1 ASP A 931 ? ? -160.41 34.18  
3 1 ILE A 974 ? ? -91.58  -63.87 
# 
loop_
_pdbx_unobs_or_zero_occ_residues.id 
_pdbx_unobs_or_zero_occ_residues.PDB_model_num 
_pdbx_unobs_or_zero_occ_residues.polymer_flag 
_pdbx_unobs_or_zero_occ_residues.occupancy_flag 
_pdbx_unobs_or_zero_occ_residues.auth_asym_id 
_pdbx_unobs_or_zero_occ_residues.auth_comp_id 
_pdbx_unobs_or_zero_occ_residues.auth_seq_id 
_pdbx_unobs_or_zero_occ_residues.PDB_ins_code 
_pdbx_unobs_or_zero_occ_residues.label_asym_id 
_pdbx_unobs_or_zero_occ_residues.label_comp_id 
_pdbx_unobs_or_zero_occ_residues.label_seq_id 
1 1 Y 1 A GLY 901 ? A GLY 1 
2 1 Y 1 A PRO 902 ? A PRO 2 
3 1 Y 1 A LEU 903 ? A LEU 3 
4 1 Y 1 A GLY 904 ? A GLY 4 
5 1 Y 1 A SER 905 ? A SER 5 
6 1 Y 1 A ASP 906 ? A ASP 6 
# 
loop_
_chem_comp_atom.comp_id 
_chem_comp_atom.atom_id 
_chem_comp_atom.type_symbol 
_chem_comp_atom.pdbx_aromatic_flag 
_chem_comp_atom.pdbx_stereo_config 
_chem_comp_atom.pdbx_ordinal 
ALA N    N  N N 1   
ALA CA   C  N S 2   
ALA C    C  N N 3   
ALA O    O  N N 4   
ALA CB   C  N N 5   
ALA OXT  O  N N 6   
ALA H    H  N N 7   
ALA H2   H  N N 8   
ALA HA   H  N N 9   
ALA HB1  H  N N 10  
ALA HB2  H  N N 11  
ALA HB3  H  N N 12  
ALA HXT  H  N N 13  
ARG N    N  N N 14  
ARG CA   C  N S 15  
ARG C    C  N N 16  
ARG O    O  N N 17  
ARG CB   C  N N 18  
ARG CG   C  N N 19  
ARG CD   C  N N 20  
ARG NE   N  N N 21  
ARG CZ   C  N N 22  
ARG NH1  N  N N 23  
ARG NH2  N  N N 24  
ARG OXT  O  N N 25  
ARG H    H  N N 26  
ARG H2   H  N N 27  
ARG HA   H  N N 28  
ARG HB2  H  N N 29  
ARG HB3  H  N N 30  
ARG HG2  H  N N 31  
ARG HG3  H  N N 32  
ARG HD2  H  N N 33  
ARG HD3  H  N N 34  
ARG HE   H  N N 35  
ARG HH11 H  N N 36  
ARG HH12 H  N N 37  
ARG HH21 H  N N 38  
ARG HH22 H  N N 39  
ARG HXT  H  N N 40  
ASN N    N  N N 41  
ASN CA   C  N S 42  
ASN C    C  N N 43  
ASN O    O  N N 44  
ASN CB   C  N N 45  
ASN CG   C  N N 46  
ASN OD1  O  N N 47  
ASN ND2  N  N N 48  
ASN OXT  O  N N 49  
ASN H    H  N N 50  
ASN H2   H  N N 51  
ASN HA   H  N N 52  
ASN HB2  H  N N 53  
ASN HB3  H  N N 54  
ASN HD21 H  N N 55  
ASN HD22 H  N N 56  
ASN HXT  H  N N 57  
ASP N    N  N N 58  
ASP CA   C  N S 59  
ASP C    C  N N 60  
ASP O    O  N N 61  
ASP CB   C  N N 62  
ASP CG   C  N N 63  
ASP OD1  O  N N 64  
ASP OD2  O  N N 65  
ASP OXT  O  N N 66  
ASP H    H  N N 67  
ASP H2   H  N N 68  
ASP HA   H  N N 69  
ASP HB2  H  N N 70  
ASP HB3  H  N N 71  
ASP HD2  H  N N 72  
ASP HXT  H  N N 73  
CYS N    N  N N 74  
CYS CA   C  N R 75  
CYS C    C  N N 76  
CYS O    O  N N 77  
CYS CB   C  N N 78  
CYS SG   S  N N 79  
CYS OXT  O  N N 80  
CYS H    H  N N 81  
CYS H2   H  N N 82  
CYS HA   H  N N 83  
CYS HB2  H  N N 84  
CYS HB3  H  N N 85  
CYS HG   H  N N 86  
CYS HXT  H  N N 87  
GLN N    N  N N 88  
GLN CA   C  N S 89  
GLN C    C  N N 90  
GLN O    O  N N 91  
GLN CB   C  N N 92  
GLN CG   C  N N 93  
GLN CD   C  N N 94  
GLN OE1  O  N N 95  
GLN NE2  N  N N 96  
GLN OXT  O  N N 97  
GLN H    H  N N 98  
GLN H2   H  N N 99  
GLN HA   H  N N 100 
GLN HB2  H  N N 101 
GLN HB3  H  N N 102 
GLN HG2  H  N N 103 
GLN HG3  H  N N 104 
GLN HE21 H  N N 105 
GLN HE22 H  N N 106 
GLN HXT  H  N N 107 
GLU N    N  N N 108 
GLU CA   C  N S 109 
GLU C    C  N N 110 
GLU O    O  N N 111 
GLU CB   C  N N 112 
GLU CG   C  N N 113 
GLU CD   C  N N 114 
GLU OE1  O  N N 115 
GLU OE2  O  N N 116 
GLU OXT  O  N N 117 
GLU H    H  N N 118 
GLU H2   H  N N 119 
GLU HA   H  N N 120 
GLU HB2  H  N N 121 
GLU HB3  H  N N 122 
GLU HG2  H  N N 123 
GLU HG3  H  N N 124 
GLU HE2  H  N N 125 
GLU HXT  H  N N 126 
GLY N    N  N N 127 
GLY CA   C  N N 128 
GLY C    C  N N 129 
GLY O    O  N N 130 
GLY OXT  O  N N 131 
GLY H    H  N N 132 
GLY H2   H  N N 133 
GLY HA2  H  N N 134 
GLY HA3  H  N N 135 
GLY HXT  H  N N 136 
HIS N    N  N N 137 
HIS CA   C  N S 138 
HIS C    C  N N 139 
HIS O    O  N N 140 
HIS CB   C  N N 141 
HIS CG   C  Y N 142 
HIS ND1  N  Y N 143 
HIS CD2  C  Y N 144 
HIS CE1  C  Y N 145 
HIS NE2  N  Y N 146 
HIS OXT  O  N N 147 
HIS H    H  N N 148 
HIS H2   H  N N 149 
HIS HA   H  N N 150 
HIS HB2  H  N N 151 
HIS HB3  H  N N 152 
HIS HD1  H  N N 153 
HIS HD2  H  N N 154 
HIS HE1  H  N N 155 
HIS HE2  H  N N 156 
HIS HXT  H  N N 157 
HOH O    O  N N 158 
HOH H1   H  N N 159 
HOH H2   H  N N 160 
ILE N    N  N N 161 
ILE CA   C  N S 162 
ILE C    C  N N 163 
ILE O    O  N N 164 
ILE CB   C  N S 165 
ILE CG1  C  N N 166 
ILE CG2  C  N N 167 
ILE CD1  C  N N 168 
ILE OXT  O  N N 169 
ILE H    H  N N 170 
ILE H2   H  N N 171 
ILE HA   H  N N 172 
ILE HB   H  N N 173 
ILE HG12 H  N N 174 
ILE HG13 H  N N 175 
ILE HG21 H  N N 176 
ILE HG22 H  N N 177 
ILE HG23 H  N N 178 
ILE HD11 H  N N 179 
ILE HD12 H  N N 180 
ILE HD13 H  N N 181 
ILE HXT  H  N N 182 
LEU N    N  N N 183 
LEU CA   C  N S 184 
LEU C    C  N N 185 
LEU O    O  N N 186 
LEU CB   C  N N 187 
LEU CG   C  N N 188 
LEU CD1  C  N N 189 
LEU CD2  C  N N 190 
LEU OXT  O  N N 191 
LEU H    H  N N 192 
LEU H2   H  N N 193 
LEU HA   H  N N 194 
LEU HB2  H  N N 195 
LEU HB3  H  N N 196 
LEU HG   H  N N 197 
LEU HD11 H  N N 198 
LEU HD12 H  N N 199 
LEU HD13 H  N N 200 
LEU HD21 H  N N 201 
LEU HD22 H  N N 202 
LEU HD23 H  N N 203 
LEU HXT  H  N N 204 
LYS N    N  N N 205 
LYS CA   C  N S 206 
LYS C    C  N N 207 
LYS O    O  N N 208 
LYS CB   C  N N 209 
LYS CG   C  N N 210 
LYS CD   C  N N 211 
LYS CE   C  N N 212 
LYS NZ   N  N N 213 
LYS OXT  O  N N 214 
LYS H    H  N N 215 
LYS H2   H  N N 216 
LYS HA   H  N N 217 
LYS HB2  H  N N 218 
LYS HB3  H  N N 219 
LYS HG2  H  N N 220 
LYS HG3  H  N N 221 
LYS HD2  H  N N 222 
LYS HD3  H  N N 223 
LYS HE2  H  N N 224 
LYS HE3  H  N N 225 
LYS HZ1  H  N N 226 
LYS HZ2  H  N N 227 
LYS HZ3  H  N N 228 
LYS HXT  H  N N 229 
MET N    N  N N 230 
MET CA   C  N S 231 
MET C    C  N N 232 
MET O    O  N N 233 
MET CB   C  N N 234 
MET CG   C  N N 235 
MET SD   S  N N 236 
MET CE   C  N N 237 
MET OXT  O  N N 238 
MET H    H  N N 239 
MET H2   H  N N 240 
MET HA   H  N N 241 
MET HB2  H  N N 242 
MET HB3  H  N N 243 
MET HG2  H  N N 244 
MET HG3  H  N N 245 
MET HE1  H  N N 246 
MET HE2  H  N N 247 
MET HE3  H  N N 248 
MET HXT  H  N N 249 
PHE N    N  N N 250 
PHE CA   C  N S 251 
PHE C    C  N N 252 
PHE O    O  N N 253 
PHE CB   C  N N 254 
PHE CG   C  Y N 255 
PHE CD1  C  Y N 256 
PHE CD2  C  Y N 257 
PHE CE1  C  Y N 258 
PHE CE2  C  Y N 259 
PHE CZ   C  Y N 260 
PHE OXT  O  N N 261 
PHE H    H  N N 262 
PHE H2   H  N N 263 
PHE HA   H  N N 264 
PHE HB2  H  N N 265 
PHE HB3  H  N N 266 
PHE HD1  H  N N 267 
PHE HD2  H  N N 268 
PHE HE1  H  N N 269 
PHE HE2  H  N N 270 
PHE HZ   H  N N 271 
PHE HXT  H  N N 272 
PRO N    N  N N 273 
PRO CA   C  N S 274 
PRO C    C  N N 275 
PRO O    O  N N 276 
PRO CB   C  N N 277 
PRO CG   C  N N 278 
PRO CD   C  N N 279 
PRO OXT  O  N N 280 
PRO H    H  N N 281 
PRO HA   H  N N 282 
PRO HB2  H  N N 283 
PRO HB3  H  N N 284 
PRO HG2  H  N N 285 
PRO HG3  H  N N 286 
PRO HD2  H  N N 287 
PRO HD3  H  N N 288 
PRO HXT  H  N N 289 
SER N    N  N N 290 
SER CA   C  N S 291 
SER C    C  N N 292 
SER O    O  N N 293 
SER CB   C  N N 294 
SER OG   O  N N 295 
SER OXT  O  N N 296 
SER H    H  N N 297 
SER H2   H  N N 298 
SER HA   H  N N 299 
SER HB2  H  N N 300 
SER HB3  H  N N 301 
SER HG   H  N N 302 
SER HXT  H  N N 303 
THR N    N  N N 304 
THR CA   C  N S 305 
THR C    C  N N 306 
THR O    O  N N 307 
THR CB   C  N R 308 
THR OG1  O  N N 309 
THR CG2  C  N N 310 
THR OXT  O  N N 311 
THR H    H  N N 312 
THR H2   H  N N 313 
THR HA   H  N N 314 
THR HB   H  N N 315 
THR HG1  H  N N 316 
THR HG21 H  N N 317 
THR HG22 H  N N 318 
THR HG23 H  N N 319 
THR HXT  H  N N 320 
TYR N    N  N N 321 
TYR CA   C  N S 322 
TYR C    C  N N 323 
TYR O    O  N N 324 
TYR CB   C  N N 325 
TYR CG   C  Y N 326 
TYR CD1  C  Y N 327 
TYR CD2  C  Y N 328 
TYR CE1  C  Y N 329 
TYR CE2  C  Y N 330 
TYR CZ   C  Y N 331 
TYR OH   O  N N 332 
TYR OXT  O  N N 333 
TYR H    H  N N 334 
TYR H2   H  N N 335 
TYR HA   H  N N 336 
TYR HB2  H  N N 337 
TYR HB3  H  N N 338 
TYR HD1  H  N N 339 
TYR HD2  H  N N 340 
TYR HE1  H  N N 341 
TYR HE2  H  N N 342 
TYR HH   H  N N 343 
TYR HXT  H  N N 344 
VAL N    N  N N 345 
VAL CA   C  N S 346 
VAL C    C  N N 347 
VAL O    O  N N 348 
VAL CB   C  N N 349 
VAL CG1  C  N N 350 
VAL CG2  C  N N 351 
VAL OXT  O  N N 352 
VAL H    H  N N 353 
VAL H2   H  N N 354 
VAL HA   H  N N 355 
VAL HB   H  N N 356 
VAL HG11 H  N N 357 
VAL HG12 H  N N 358 
VAL HG13 H  N N 359 
VAL HG21 H  N N 360 
VAL HG22 H  N N 361 
VAL HG23 H  N N 362 
VAL HXT  H  N N 363 
ZN  ZN   ZN N N 364 
# 
loop_
_chem_comp_bond.comp_id 
_chem_comp_bond.atom_id_1 
_chem_comp_bond.atom_id_2 
_chem_comp_bond.value_order 
_chem_comp_bond.pdbx_aromatic_flag 
_chem_comp_bond.pdbx_stereo_config 
_chem_comp_bond.pdbx_ordinal 
ALA N   CA   sing N N 1   
ALA N   H    sing N N 2   
ALA N   H2   sing N N 3   
ALA CA  C    sing N N 4   
ALA CA  CB   sing N N 5   
ALA CA  HA   sing N N 6   
ALA C   O    doub N N 7   
ALA C   OXT  sing N N 8   
ALA CB  HB1  sing N N 9   
ALA CB  HB2  sing N N 10  
ALA CB  HB3  sing N N 11  
ALA OXT HXT  sing N N 12  
ARG N   CA   sing N N 13  
ARG N   H    sing N N 14  
ARG N   H2   sing N N 15  
ARG CA  C    sing N N 16  
ARG CA  CB   sing N N 17  
ARG CA  HA   sing N N 18  
ARG C   O    doub N N 19  
ARG C   OXT  sing N N 20  
ARG CB  CG   sing N N 21  
ARG CB  HB2  sing N N 22  
ARG CB  HB3  sing N N 23  
ARG CG  CD   sing N N 24  
ARG CG  HG2  sing N N 25  
ARG CG  HG3  sing N N 26  
ARG CD  NE   sing N N 27  
ARG CD  HD2  sing N N 28  
ARG CD  HD3  sing N N 29  
ARG NE  CZ   sing N N 30  
ARG NE  HE   sing N N 31  
ARG CZ  NH1  sing N N 32  
ARG CZ  NH2  doub N N 33  
ARG NH1 HH11 sing N N 34  
ARG NH1 HH12 sing N N 35  
ARG NH2 HH21 sing N N 36  
ARG NH2 HH22 sing N N 37  
ARG OXT HXT  sing N N 38  
ASN N   CA   sing N N 39  
ASN N   H    sing N N 40  
ASN N   H2   sing N N 41  
ASN CA  C    sing N N 42  
ASN CA  CB   sing N N 43  
ASN CA  HA   sing N N 44  
ASN C   O    doub N N 45  
ASN C   OXT  sing N N 46  
ASN CB  CG   sing N N 47  
ASN CB  HB2  sing N N 48  
ASN CB  HB3  sing N N 49  
ASN CG  OD1  doub N N 50  
ASN CG  ND2  sing N N 51  
ASN ND2 HD21 sing N N 52  
ASN ND2 HD22 sing N N 53  
ASN OXT HXT  sing N N 54  
ASP N   CA   sing N N 55  
ASP N   H    sing N N 56  
ASP N   H2   sing N N 57  
ASP CA  C    sing N N 58  
ASP CA  CB   sing N N 59  
ASP CA  HA   sing N N 60  
ASP C   O    doub N N 61  
ASP C   OXT  sing N N 62  
ASP CB  CG   sing N N 63  
ASP CB  HB2  sing N N 64  
ASP CB  HB3  sing N N 65  
ASP CG  OD1  doub N N 66  
ASP CG  OD2  sing N N 67  
ASP OD2 HD2  sing N N 68  
ASP OXT HXT  sing N N 69  
CYS N   CA   sing N N 70  
CYS N   H    sing N N 71  
CYS N   H2   sing N N 72  
CYS CA  C    sing N N 73  
CYS CA  CB   sing N N 74  
CYS CA  HA   sing N N 75  
CYS C   O    doub N N 76  
CYS C   OXT  sing N N 77  
CYS CB  SG   sing N N 78  
CYS CB  HB2  sing N N 79  
CYS CB  HB3  sing N N 80  
CYS SG  HG   sing N N 81  
CYS OXT HXT  sing N N 82  
GLN N   CA   sing N N 83  
GLN N   H    sing N N 84  
GLN N   H2   sing N N 85  
GLN CA  C    sing N N 86  
GLN CA  CB   sing N N 87  
GLN CA  HA   sing N N 88  
GLN C   O    doub N N 89  
GLN C   OXT  sing N N 90  
GLN CB  CG   sing N N 91  
GLN CB  HB2  sing N N 92  
GLN CB  HB3  sing N N 93  
GLN CG  CD   sing N N 94  
GLN CG  HG2  sing N N 95  
GLN CG  HG3  sing N N 96  
GLN CD  OE1  doub N N 97  
GLN CD  NE2  sing N N 98  
GLN NE2 HE21 sing N N 99  
GLN NE2 HE22 sing N N 100 
GLN OXT HXT  sing N N 101 
GLU N   CA   sing N N 102 
GLU N   H    sing N N 103 
GLU N   H2   sing N N 104 
GLU CA  C    sing N N 105 
GLU CA  CB   sing N N 106 
GLU CA  HA   sing N N 107 
GLU C   O    doub N N 108 
GLU C   OXT  sing N N 109 
GLU CB  CG   sing N N 110 
GLU CB  HB2  sing N N 111 
GLU CB  HB3  sing N N 112 
GLU CG  CD   sing N N 113 
GLU CG  HG2  sing N N 114 
GLU CG  HG3  sing N N 115 
GLU CD  OE1  doub N N 116 
GLU CD  OE2  sing N N 117 
GLU OE2 HE2  sing N N 118 
GLU OXT HXT  sing N N 119 
GLY N   CA   sing N N 120 
GLY N   H    sing N N 121 
GLY N   H2   sing N N 122 
GLY CA  C    sing N N 123 
GLY CA  HA2  sing N N 124 
GLY CA  HA3  sing N N 125 
GLY C   O    doub N N 126 
GLY C   OXT  sing N N 127 
GLY OXT HXT  sing N N 128 
HIS N   CA   sing N N 129 
HIS N   H    sing N N 130 
HIS N   H2   sing N N 131 
HIS CA  C    sing N N 132 
HIS CA  CB   sing N N 133 
HIS CA  HA   sing N N 134 
HIS C   O    doub N N 135 
HIS C   OXT  sing N N 136 
HIS CB  CG   sing N N 137 
HIS CB  HB2  sing N N 138 
HIS CB  HB3  sing N N 139 
HIS CG  ND1  sing Y N 140 
HIS CG  CD2  doub Y N 141 
HIS ND1 CE1  doub Y N 142 
HIS ND1 HD1  sing N N 143 
HIS CD2 NE2  sing Y N 144 
HIS CD2 HD2  sing N N 145 
HIS CE1 NE2  sing Y N 146 
HIS CE1 HE1  sing N N 147 
HIS NE2 HE2  sing N N 148 
HIS OXT HXT  sing N N 149 
HOH O   H1   sing N N 150 
HOH O   H2   sing N N 151 
ILE N   CA   sing N N 152 
ILE N   H    sing N N 153 
ILE N   H2   sing N N 154 
ILE CA  C    sing N N 155 
ILE CA  CB   sing N N 156 
ILE CA  HA   sing N N 157 
ILE C   O    doub N N 158 
ILE C   OXT  sing N N 159 
ILE CB  CG1  sing N N 160 
ILE CB  CG2  sing N N 161 
ILE CB  HB   sing N N 162 
ILE CG1 CD1  sing N N 163 
ILE CG1 HG12 sing N N 164 
ILE CG1 HG13 sing N N 165 
ILE CG2 HG21 sing N N 166 
ILE CG2 HG22 sing N N 167 
ILE CG2 HG23 sing N N 168 
ILE CD1 HD11 sing N N 169 
ILE CD1 HD12 sing N N 170 
ILE CD1 HD13 sing N N 171 
ILE OXT HXT  sing N N 172 
LEU N   CA   sing N N 173 
LEU N   H    sing N N 174 
LEU N   H2   sing N N 175 
LEU CA  C    sing N N 176 
LEU CA  CB   sing N N 177 
LEU CA  HA   sing N N 178 
LEU C   O    doub N N 179 
LEU C   OXT  sing N N 180 
LEU CB  CG   sing N N 181 
LEU CB  HB2  sing N N 182 
LEU CB  HB3  sing N N 183 
LEU CG  CD1  sing N N 184 
LEU CG  CD2  sing N N 185 
LEU CG  HG   sing N N 186 
LEU CD1 HD11 sing N N 187 
LEU CD1 HD12 sing N N 188 
LEU CD1 HD13 sing N N 189 
LEU CD2 HD21 sing N N 190 
LEU CD2 HD22 sing N N 191 
LEU CD2 HD23 sing N N 192 
LEU OXT HXT  sing N N 193 
LYS N   CA   sing N N 194 
LYS N   H    sing N N 195 
LYS N   H2   sing N N 196 
LYS CA  C    sing N N 197 
LYS CA  CB   sing N N 198 
LYS CA  HA   sing N N 199 
LYS C   O    doub N N 200 
LYS C   OXT  sing N N 201 
LYS CB  CG   sing N N 202 
LYS CB  HB2  sing N N 203 
LYS CB  HB3  sing N N 204 
LYS CG  CD   sing N N 205 
LYS CG  HG2  sing N N 206 
LYS CG  HG3  sing N N 207 
LYS CD  CE   sing N N 208 
LYS CD  HD2  sing N N 209 
LYS CD  HD3  sing N N 210 
LYS CE  NZ   sing N N 211 
LYS CE  HE2  sing N N 212 
LYS CE  HE3  sing N N 213 
LYS NZ  HZ1  sing N N 214 
LYS NZ  HZ2  sing N N 215 
LYS NZ  HZ3  sing N N 216 
LYS OXT HXT  sing N N 217 
MET N   CA   sing N N 218 
MET N   H    sing N N 219 
MET N   H2   sing N N 220 
MET CA  C    sing N N 221 
MET CA  CB   sing N N 222 
MET CA  HA   sing N N 223 
MET C   O    doub N N 224 
MET C   OXT  sing N N 225 
MET CB  CG   sing N N 226 
MET CB  HB2  sing N N 227 
MET CB  HB3  sing N N 228 
MET CG  SD   sing N N 229 
MET CG  HG2  sing N N 230 
MET CG  HG3  sing N N 231 
MET SD  CE   sing N N 232 
MET CE  HE1  sing N N 233 
MET CE  HE2  sing N N 234 
MET CE  HE3  sing N N 235 
MET OXT HXT  sing N N 236 
PHE N   CA   sing N N 237 
PHE N   H    sing N N 238 
PHE N   H2   sing N N 239 
PHE CA  C    sing N N 240 
PHE CA  CB   sing N N 241 
PHE CA  HA   sing N N 242 
PHE C   O    doub N N 243 
PHE C   OXT  sing N N 244 
PHE CB  CG   sing N N 245 
PHE CB  HB2  sing N N 246 
PHE CB  HB3  sing N N 247 
PHE CG  CD1  doub Y N 248 
PHE CG  CD2  sing Y N 249 
PHE CD1 CE1  sing Y N 250 
PHE CD1 HD1  sing N N 251 
PHE CD2 CE2  doub Y N 252 
PHE CD2 HD2  sing N N 253 
PHE CE1 CZ   doub Y N 254 
PHE CE1 HE1  sing N N 255 
PHE CE2 CZ   sing Y N 256 
PHE CE2 HE2  sing N N 257 
PHE CZ  HZ   sing N N 258 
PHE OXT HXT  sing N N 259 
PRO N   CA   sing N N 260 
PRO N   CD   sing N N 261 
PRO N   H    sing N N 262 
PRO CA  C    sing N N 263 
PRO CA  CB   sing N N 264 
PRO CA  HA   sing N N 265 
PRO C   O    doub N N 266 
PRO C   OXT  sing N N 267 
PRO CB  CG   sing N N 268 
PRO CB  HB2  sing N N 269 
PRO CB  HB3  sing N N 270 
PRO CG  CD   sing N N 271 
PRO CG  HG2  sing N N 272 
PRO CG  HG3  sing N N 273 
PRO CD  HD2  sing N N 274 
PRO CD  HD3  sing N N 275 
PRO OXT HXT  sing N N 276 
SER N   CA   sing N N 277 
SER N   H    sing N N 278 
SER N   H2   sing N N 279 
SER CA  C    sing N N 280 
SER CA  CB   sing N N 281 
SER CA  HA   sing N N 282 
SER C   O    doub N N 283 
SER C   OXT  sing N N 284 
SER CB  OG   sing N N 285 
SER CB  HB2  sing N N 286 
SER CB  HB3  sing N N 287 
SER OG  HG   sing N N 288 
SER OXT HXT  sing N N 289 
THR N   CA   sing N N 290 
THR N   H    sing N N 291 
THR N   H2   sing N N 292 
THR CA  C    sing N N 293 
THR CA  CB   sing N N 294 
THR CA  HA   sing N N 295 
THR C   O    doub N N 296 
THR C   OXT  sing N N 297 
THR CB  OG1  sing N N 298 
THR CB  CG2  sing N N 299 
THR CB  HB   sing N N 300 
THR OG1 HG1  sing N N 301 
THR CG2 HG21 sing N N 302 
THR CG2 HG22 sing N N 303 
THR CG2 HG23 sing N N 304 
THR OXT HXT  sing N N 305 
TYR N   CA   sing N N 306 
TYR N   H    sing N N 307 
TYR N   H2   sing N N 308 
TYR CA  C    sing N N 309 
TYR CA  CB   sing N N 310 
TYR CA  HA   sing N N 311 
TYR C   O    doub N N 312 
TYR C   OXT  sing N N 313 
TYR CB  CG   sing N N 314 
TYR CB  HB2  sing N N 315 
TYR CB  HB3  sing N N 316 
TYR CG  CD1  doub Y N 317 
TYR CG  CD2  sing Y N 318 
TYR CD1 CE1  sing Y N 319 
TYR CD1 HD1  sing N N 320 
TYR CD2 CE2  doub Y N 321 
TYR CD2 HD2  sing N N 322 
TYR CE1 CZ   doub Y N 323 
TYR CE1 HE1  sing N N 324 
TYR CE2 CZ   sing Y N 325 
TYR CE2 HE2  sing N N 326 
TYR CZ  OH   sing N N 327 
TYR OH  HH   sing N N 328 
TYR OXT HXT  sing N N 329 
VAL N   CA   sing N N 330 
VAL N   H    sing N N 331 
VAL N   H2   sing N N 332 
VAL CA  C    sing N N 333 
VAL CA  CB   sing N N 334 
VAL CA  HA   sing N N 335 
VAL C   O    doub N N 336 
VAL C   OXT  sing N N 337 
VAL CB  CG1  sing N N 338 
VAL CB  CG2  sing N N 339 
VAL CB  HB   sing N N 340 
VAL CG1 HG11 sing N N 341 
VAL CG1 HG12 sing N N 342 
VAL CG1 HG13 sing N N 343 
VAL CG2 HG21 sing N N 344 
VAL CG2 HG22 sing N N 345 
VAL CG2 HG23 sing N N 346 
VAL OXT HXT  sing N N 347 
# 
_pdbx_audit_support.funding_organization   'Marsden Fund' 
_pdbx_audit_support.country                'New Zealand' 
_pdbx_audit_support.grant_number           ? 
_pdbx_audit_support.ordinal                1 
# 
_atom_sites.entry_id                    5TRB 
_atom_sites.fract_transf_matrix[1][1]   0.02475724 
_atom_sites.fract_transf_matrix[1][2]   -0.00570944 
_atom_sites.fract_transf_matrix[1][3]   0.01337172 
_atom_sites.fract_transf_matrix[2][1]   0.00211230 
_atom_sites.fract_transf_matrix[2][2]   0.01591915 
_atom_sites.fract_transf_matrix[2][3]   0.00288629 
_atom_sites.fract_transf_matrix[3][1]   -0.00622312 
_atom_sites.fract_transf_matrix[3][2]   -0.00117251 
_atom_sites.fract_transf_matrix[3][3]   0.01102123 
_atom_sites.fract_transf_vector[1]      0.292565 
_atom_sites.fract_transf_vector[2]      0.564598 
_atom_sites.fract_transf_vector[3]      0.611397 
# 
loop_
_atom_type.symbol 
C  
N  
O  
S  
ZN 
# 
loop_
_atom_site.group_PDB 
_atom_site.id 
_atom_site.type_symbol 
_atom_site.label_atom_id 
_atom_site.label_alt_id 
_atom_site.label_comp_id 
_atom_site.label_asym_id 
_atom_site.label_entity_id 
_atom_site.label_seq_id 
_atom_site.pdbx_PDB_ins_code 
_atom_site.Cartn_x 
_atom_site.Cartn_y 
_atom_site.Cartn_z 
_atom_site.occupancy 
_atom_site.B_iso_or_equiv 
_atom_site.pdbx_formal_charge 
_atom_site.auth_seq_id 
_atom_site.auth_comp_id 
_atom_site.auth_asym_id 
_atom_site.auth_atom_id 
_atom_site.pdbx_PDB_model_num 
ATOM   1   N  N   . GLU A 1 7  ? 0.292   28.071  0.755   1.00 47.11 ? 907  GLU A N   1 
ATOM   2   C  CA  . GLU A 1 7  ? 0.541   28.545  -0.597  1.00 39.98 ? 907  GLU A CA  1 
ATOM   3   C  C   . GLU A 1 7  ? 0.209   27.470  -1.637  1.00 39.32 ? 907  GLU A C   1 
ATOM   4   O  O   . GLU A 1 7  ? 0.073   26.287  -1.322  1.00 36.58 ? 907  GLU A O   1 
ATOM   5   C  CB  . GLU A 1 7  ? 1.990   28.996  -0.762  1.00 38.42 ? 907  GLU A CB  1 
ATOM   6   C  CG  . GLU A 1 7  ? 2.201   29.800  -2.028  1.00 43.95 ? 907  GLU A CG  1 
ATOM   7   C  CD  . GLU A 1 7  ? 3.646   30.093  -2.326  1.00 49.74 ? 907  GLU A CD  1 
ATOM   8   O  OE1 . GLU A 1 7  ? 4.509   29.764  -1.476  1.00 52.46 ? 907  GLU A OE1 1 
ATOM   9   O  OE2 . GLU A 1 7  ? 3.909   30.654  -3.420  1.00 51.62 ? 907  GLU A OE2 1 
ATOM   10  N  N   . ILE A 1 8  ? 0.087   27.906  -2.891  1.00 36.88 ? 908  ILE A N   1 
ATOM   11  C  CA  . ILE A 1 8  ? -0.366  27.020  -3.954  1.00 37.16 ? 908  ILE A CA  1 
ATOM   12  C  C   . ILE A 1 8  ? 0.669   25.936  -4.223  1.00 35.96 ? 908  ILE A C   1 
ATOM   13  O  O   . ILE A 1 8  ? 0.322   24.764  -4.403  1.00 37.33 ? 908  ILE A O   1 
ATOM   14  C  CB  . ILE A 1 8  ? -0.694  27.848  -5.213  1.00 37.10 ? 908  ILE A CB  1 
ATOM   15  C  CG1 . ILE A 1 8  ? -1.780  28.886  -4.886  1.00 36.16 ? 908  ILE A CG1 1 
ATOM   16  C  CG2 . ILE A 1 8  ? -1.112  26.955  -6.362  1.00 30.71 ? 908  ILE A CG2 1 
ATOM   17  C  CD1 . ILE A 1 8  ? -2.973  28.311  -4.143  1.00 35.68 ? 908  ILE A CD1 1 
ATOM   18  N  N   . LEU A 1 9  ? 1.956   26.302  -4.236  1.00 33.70 ? 909  LEU A N   1 
ATOM   19  C  CA  . LEU A 1 9  ? 2.998   25.299  -4.442  1.00 34.27 ? 909  LEU A CA  1 
ATOM   20  C  C   . LEU A 1 9  ? 2.977   24.247  -3.340  1.00 35.07 ? 909  LEU A C   1 
ATOM   21  O  O   . LEU A 1 9  ? 3.118   23.047  -3.607  1.00 31.15 ? 909  LEU A O   1 
ATOM   22  C  CB  . LEU A 1 9  ? 4.365   25.967  -4.501  1.00 33.62 ? 909  LEU A CB  1 
ATOM   23  C  CG  . LEU A 1 9  ? 4.631   26.895  -5.673  1.00 34.28 ? 909  LEU A CG  1 
ATOM   24  C  CD1 . LEU A 1 9  ? 6.067   27.388  -5.615  1.00 37.14 ? 909  LEU A CD1 1 
ATOM   25  C  CD2 . LEU A 1 9  ? 4.364   26.173  -6.963  1.00 34.68 ? 909  LEU A CD2 1 
ATOM   26  N  N   . MET A 1 10 ? 2.775   24.675  -2.096  1.00 33.75 ? 910  MET A N   1 
ATOM   27  C  CA  . MET A 1 10 ? 2.822   23.724  -0.995  1.00 34.21 ? 910  MET A CA  1 
ATOM   28  C  C   . MET A 1 10 ? 1.632   22.784  -1.010  1.00 34.34 ? 910  MET A C   1 
ATOM   29  O  O   . MET A 1 10 ? 1.759   21.614  -0.630  1.00 30.99 ? 910  MET A O   1 
ATOM   30  C  CB  . MET A 1 10 ? 2.887   24.460  0.337   1.00 39.17 ? 910  MET A CB  1 
ATOM   31  C  CG  . MET A 1 10 ? 4.185   25.180  0.579   1.00 42.00 ? 910  MET A CG  1 
ATOM   32  S  SD  . MET A 1 10 ? 4.115   26.086  2.141   1.00 62.65 ? 910  MET A SD  1 
ATOM   33  C  CE  . MET A 1 10 ? 3.660   24.801  3.300   1.00 46.98 ? 910  MET A CE  1 
ATOM   34  N  N   . GLU A 1 11 ? 0.465   23.265  -1.425  1.00 34.38 ? 911  GLU A N   1 
ATOM   35  C  CA  . GLU A 1 11 ? -0.663  22.351  -1.492  1.00 35.80 ? 911  GLU A CA  1 
ATOM   36  C  C   . GLU A 1 11 ? -0.421  21.282  -2.545  1.00 32.07 ? 911  GLU A C   1 
ATOM   37  O  O   . GLU A 1 11 ? -0.808  20.125  -2.355  1.00 33.35 ? 911  GLU A O   1 
ATOM   38  C  CB  . GLU A 1 11 ? -1.954  23.113  -1.779  1.00 36.34 ? 911  GLU A CB  1 
ATOM   39  C  CG  . GLU A 1 11 ? -3.154  22.198  -1.789  1.00 40.15 ? 911  GLU A CG  1 
ATOM   40  C  CD  . GLU A 1 11 ? -4.442  22.915  -2.126  1.00 45.33 ? 911  GLU A CD  1 
ATOM   41  O  OE1 . GLU A 1 11 ? -4.365  24.115  -2.510  1.00 40.93 ? 911  GLU A OE1 1 
ATOM   42  O  OE2 . GLU A 1 11 ? -5.519  22.271  -1.999  1.00 44.42 ? 911  GLU A OE2 1 
ATOM   43  N  N   . GLU A 1 12 ? 0.246   21.649  -3.636  1.00 32.00 ? 912  GLU A N   1 
ATOM   44  C  CA  . GLU A 1 12 ? 0.577   20.676  -4.665  1.00 33.05 ? 912  GLU A CA  1 
ATOM   45  C  C   . GLU A 1 12 ? 1.576   19.643  -4.151  1.00 33.58 ? 912  GLU A C   1 
ATOM   46  O  O   . GLU A 1 12 ? 1.438   18.448  -4.438  1.00 30.65 ? 912  GLU A O   1 
ATOM   47  C  CB  . GLU A 1 12 ? 1.123   21.386  -5.897  1.00 33.03 ? 912  GLU A CB  1 
ATOM   48  C  CG  . GLU A 1 12 ? 1.291   20.462  -7.077  1.00 35.56 ? 912  GLU A CG  1 
ATOM   49  C  CD  . GLU A 1 12 ? 1.619   21.212  -8.347  1.00 40.75 ? 912  GLU A CD  1 
ATOM   50  O  OE1 . GLU A 1 12 ? 1.640   22.458  -8.292  1.00 41.37 ? 912  GLU A OE1 1 
ATOM   51  O  OE2 . GLU A 1 12 ? 1.863   20.567  -9.392  1.00 42.41 ? 912  GLU A OE2 1 
ATOM   52  N  N   . ILE A 1 13 ? 2.593   20.085  -3.402  1.00 30.32 ? 913  ILE A N   1 
ATOM   53  C  CA  . ILE A 1 13 ? 3.523   19.140  -2.780  1.00 32.11 ? 913  ILE A CA  1 
ATOM   54  C  C   . ILE A 1 13 ? 2.768   18.187  -1.870  1.00 31.33 ? 913  ILE A C   1 
ATOM   55  O  O   . ILE A 1 13 ? 2.937   16.966  -1.942  1.00 33.17 ? 913  ILE A O   1 
ATOM   56  C  CB  . ILE A 1 13 ? 4.622   19.886  -2.001  1.00 29.71 ? 913  ILE A CB  1 
ATOM   57  C  CG1 . ILE A 1 13 ? 5.510   20.694  -2.947  1.00 32.46 ? 913  ILE A CG1 1 
ATOM   58  C  CG2 . ILE A 1 13 ? 5.462   18.898  -1.199  1.00 32.67 ? 913  ILE A CG2 1 
ATOM   59  C  CD1 . ILE A 1 13 ? 6.329   21.763  -2.257  1.00 31.82 ? 913  ILE A CD1 1 
ATOM   60  N  N   . LYS A 1 14 ? 1.920   18.732  -1.000  1.00 29.55 ? 914  LYS A N   1 
ATOM   61  C  CA  . LYS A 1 14 ? 1.175   17.891  -0.073  1.00 31.38 ? 914  LYS A CA  1 
ATOM   62  C  C   . LYS A 1 14 ? 0.378   16.814  -0.804  1.00 31.87 ? 914  LYS A C   1 
ATOM   63  O  O   . LYS A 1 14 ? 0.326   15.665  -0.354  1.00 30.66 ? 914  LYS A O   1 
ATOM   64  C  CB  . LYS A 1 14 ? 0.264   18.762  0.791   1.00 33.85 ? 914  LYS A CB  1 
ATOM   65  C  CG  . LYS A 1 14 ? -0.543  17.987  1.819   1.00 38.88 ? 914  LYS A CG  1 
ATOM   66  C  CD  . LYS A 1 14 ? -1.341  18.942  2.693   1.00 48.72 ? 914  LYS A CD  1 
ATOM   67  C  CE  . LYS A 1 14 ? -2.118  18.201  3.765   1.00 52.33 ? 914  LYS A CE  1 
ATOM   68  N  NZ  . LYS A 1 14 ? -2.793  19.160  4.686   1.00 59.28 ? 914  LYS A NZ  1 
ATOM   69  N  N   . ASP A 1 15 ? -0.223  17.159  -1.950  1.00 33.98 ? 915  ASP A N   1 
ATOM   70  C  CA  . ASP A 1 15 ? -1.016  16.193  -2.711  1.00 33.00 ? 915  ASP A CA  1 
ATOM   71  C  C   . ASP A 1 15 ? -0.143  15.103  -3.320  1.00 31.68 ? 915  ASP A C   1 
ATOM   72  O  O   . ASP A 1 15 ? -0.539  13.933  -3.353  1.00 31.53 ? 915  ASP A O   1 
ATOM   73  C  CB  . ASP A 1 15 ? -1.804  16.907  -3.809  1.00 37.85 ? 915  ASP A CB  1 
ATOM   74  C  CG  . ASP A 1 15 ? -2.521  15.927  -4.757  1.00 44.04 ? 915  ASP A CG  1 
ATOM   75  O  OD1 . ASP A 1 15 ? -3.226  15.019  -4.268  1.00 52.20 ? 915  ASP A OD1 1 
ATOM   76  O  OD2 . ASP A 1 15 ? -2.387  16.061  -5.992  1.00 49.39 ? 915  ASP A OD2 1 
ATOM   77  N  N   . TYR A 1 16 ? 1.038   15.462  -3.823  1.00 28.31 ? 916  TYR A N   1 
ATOM   78  C  CA  . TYR A 1 16 ? 1.961   14.442  -4.311  1.00 29.33 ? 916  TYR A CA  1 
ATOM   79  C  C   . TYR A 1 16 ? 2.366   13.499  -3.190  1.00 29.72 ? 916  TYR A C   1 
ATOM   80  O  O   . TYR A 1 16 ? 2.316   12.273  -3.351  1.00 30.25 ? 916  TYR A O   1 
ATOM   81  C  CB  . TYR A 1 16 ? 3.196   15.084  -4.937  1.00 31.50 ? 916  TYR A CB  1 
ATOM   82  C  CG  . TYR A 1 16 ? 2.941   15.606  -6.329  1.00 31.54 ? 916  TYR A CG  1 
ATOM   83  C  CD1 . TYR A 1 16 ? 2.393   14.793  -7.301  1.00 37.29 ? 916  TYR A CD1 1 
ATOM   84  C  CD2 . TYR A 1 16 ? 3.220   16.922  -6.659  1.00 35.58 ? 916  TYR A CD2 1 
ATOM   85  C  CE1 . TYR A 1 16 ? 2.140   15.267  -8.572  1.00 39.32 ? 916  TYR A CE1 1 
ATOM   86  C  CE2 . TYR A 1 16 ? 2.970   17.411  -7.929  1.00 37.64 ? 916  TYR A CE2 1 
ATOM   87  C  CZ  . TYR A 1 16 ? 2.425   16.578  -8.880  1.00 41.26 ? 916  TYR A CZ  1 
ATOM   88  O  OH  . TYR A 1 16 ? 2.173   17.064  -10.142 1.00 46.00 ? 916  TYR A OH  1 
ATOM   89  N  N   . LYS A 1 17 ? 2.788   14.056  -2.051  1.00 28.86 ? 917  LYS A N   1 
ATOM   90  C  CA  . LYS A 1 17 ? 3.130   13.220  -0.899  1.00 28.56 ? 917  LYS A CA  1 
ATOM   91  C  C   . LYS A 1 17 ? 2.002   12.245  -0.583  1.00 30.10 ? 917  LYS A C   1 
ATOM   92  O  O   . LYS A 1 17 ? 2.236   11.045  -0.386  1.00 26.87 ? 917  LYS A O   1 
ATOM   93  C  CB  . LYS A 1 17 ? 3.433   14.090  0.323   1.00 31.02 ? 917  LYS A CB  1 
ATOM   94  C  CG  . LYS A 1 17 ? 4.775   14.815  0.297   1.00 38.06 ? 917  LYS A CG  1 
ATOM   95  C  CD  . LYS A 1 17 ? 5.097   15.453  1.674   1.00 39.41 ? 917  LYS A CD  1 
ATOM   96  C  CE  . LYS A 1 17 ? 6.110   16.599  1.572   1.00 42.76 ? 917  LYS A CE  1 
ATOM   97  N  NZ  . LYS A 1 17 ? 7.368   16.194  0.876   1.00 40.85 ? 917  LYS A NZ  1 
ATOM   98  N  N   . ALA A 1 18 ? 0.762   12.739  -0.574  1.00 29.80 ? 918  ALA A N   1 
ATOM   99  C  CA  . ALA A 1 18 ? -0.367  11.872  -0.244  1.00 30.59 ? 918  ALA A CA  1 
ATOM   100 C  C   . ALA A 1 18 ? -0.527  10.760  -1.269  1.00 30.66 ? 918  ALA A C   1 
ATOM   101 O  O   . ALA A 1 18 ? -0.855  9.621   -0.917  1.00 32.10 ? 918  ALA A O   1 
ATOM   102 C  CB  . ALA A 1 18 ? -1.650  12.696  -0.146  1.00 29.91 ? 918  ALA A CB  1 
ATOM   103 N  N   . ARG A 1 19 ? -0.301  11.068  -2.545  1.00 28.13 ? 919  ARG A N   1 
ATOM   104 C  CA  . ARG A 1 19 ? -0.459  10.069  -3.596  1.00 29.41 ? 919  ARG A CA  1 
ATOM   105 C  C   . ARG A 1 19 ? 0.597   8.976   -3.512  1.00 29.33 ? 919  ARG A C   1 
ATOM   106 O  O   . ARG A 1 19 ? 0.380   7.854   -3.985  1.00 30.51 ? 919  ARG A O   1 
ATOM   107 C  CB  . ARG A 1 19 ? -0.400  10.743  -4.966  1.00 36.20 ? 919  ARG A CB  1 
ATOM   108 C  CG  . ARG A 1 19 ? -1.564  11.684  -5.265  1.00 37.17 ? 919  ARG A CG  1 
ATOM   109 C  CD  . ARG A 1 19 ? -1.779  11.765  -6.773  1.00 45.94 ? 919  ARG A CD  1 
ATOM   110 N  NE  . ARG A 1 19 ? -1.532  13.085  -7.342  1.00 45.24 ? 919  ARG A NE  1 
ATOM   111 C  CZ  . ARG A 1 19 ? -1.149  13.294  -8.601  1.00 49.15 ? 919  ARG A CZ  1 
ATOM   112 N  NH1 . ARG A 1 19 ? -0.946  12.264  -9.427  1.00 47.57 ? 919  ARG A NH1 1 
ATOM   113 N  NH2 . ARG A 1 19 ? -0.954  14.536  -9.036  1.00 50.48 ? 919  ARG A NH2 1 
ATOM   114 N  N   . LEU A 1 20 ? 1.747   9.279   -2.946  1.00 24.44 ? 920  LEU A N   1 
ATOM   115 C  CA  . LEU A 1 20 ? 2.786   8.278   -2.789  1.00 26.41 ? 920  LEU A CA  1 
ATOM   116 C  C   . LEU A 1 20 ? 2.735   7.577   -1.432  1.00 27.29 ? 920  LEU A C   1 
ATOM   117 O  O   . LEU A 1 20 ? 3.560   6.692   -1.182  1.00 25.77 ? 920  LEU A O   1 
ATOM   118 C  CB  . LEU A 1 20 ? 4.153   8.928   -3.004  1.00 26.39 ? 920  LEU A CB  1 
ATOM   119 C  CG  . LEU A 1 20 ? 4.383   9.495   -4.405  1.00 28.82 ? 920  LEU A CG  1 
ATOM   120 C  CD1 . LEU A 1 20 ? 5.448   10.545  -4.330  1.00 30.57 ? 920  LEU A CD1 1 
ATOM   121 C  CD2 . LEU A 1 20 ? 4.813   8.387   -5.337  1.00 31.71 ? 920  LEU A CD2 1 
ATOM   122 N  N   . THR A 1 21 ? 1.771   7.917   -0.582  1.00 25.90 ? 921  THR A N   1 
ATOM   123 C  CA  . THR A 1 21 ? 1.704   7.409   0.786   1.00 25.20 ? 921  THR A CA  1 
ATOM   124 C  C   . THR A 1 21 ? 0.639   6.327   0.889   1.00 23.42 ? 921  THR A C   1 
ATOM   125 O  O   . THR A 1 21 ? -0.486  6.507   0.412   1.00 26.12 ? 921  THR A O   1 
ATOM   126 C  CB  . THR A 1 21 ? 1.397   8.532   1.778   1.00 27.01 ? 921  THR A CB  1 
ATOM   127 O  OG1 . THR A 1 21 ? 2.417   9.532   1.684   1.00 28.80 ? 921  THR A OG1 1 
ATOM   128 C  CG2 . THR A 1 21 ? 1.370   8.004   3.204   1.00 24.83 ? 921  THR A CG2 1 
ATOM   129 N  N   . CYS A 1 22 ? 1.000   5.215   1.523   1.00 24.82 ? 922  CYS A N   1 
ATOM   130 C  CA  . CYS A 1 22 ? 0.088   4.115   1.796   1.00 21.84 ? 922  CYS A CA  1 
ATOM   131 C  C   . CYS A 1 22 ? -1.189  4.631   2.469   1.00 24.63 ? 922  CYS A C   1 
ATOM   132 O  O   . CYS A 1 22 ? -1.104  5.297   3.508   1.00 24.08 ? 922  CYS A O   1 
ATOM   133 C  CB  . CYS A 1 22 ? 0.805   3.108   2.693   1.00 23.52 ? 922  CYS A CB  1 
ATOM   134 S  SG  . CYS A 1 22 ? -0.207  1.755   3.249   1.00 21.09 ? 922  CYS A SG  1 
ATOM   135 N  N   . PRO A 1 23 ? -2.373  4.361   1.911   1.00 26.39 ? 923  PRO A N   1 
ATOM   136 C  CA  . PRO A 1 23 ? -3.615  4.870   2.517   1.00 26.07 ? 923  PRO A CA  1 
ATOM   137 C  C   . PRO A 1 23 ? -4.041  4.096   3.748   1.00 31.15 ? 923  PRO A C   1 
ATOM   138 O  O   . PRO A 1 23 ? -4.977  4.514   4.450   1.00 30.41 ? 923  PRO A O   1 
ATOM   139 C  CB  . PRO A 1 23 ? -4.631  4.699   1.391   1.00 27.80 ? 923  PRO A CB  1 
ATOM   140 C  CG  . PRO A 1 23 ? -4.133  3.469   0.664   1.00 28.14 ? 923  PRO A CG  1 
ATOM   141 C  CD  . PRO A 1 23 ? -2.633  3.554   0.703   1.00 26.05 ? 923  PRO A CD  1 
ATOM   142 N  N   . CYS A 1 24 ? -3.374  2.983   4.019   1.00 28.14 ? 924  CYS A N   1 
ATOM   143 C  CA  . CYS A 1 24 ? -3.732  2.107   5.120   1.00 26.77 ? 924  CYS A CA  1 
ATOM   144 C  C   . CYS A 1 24 ? -3.207  2.661   6.440   1.00 29.38 ? 924  CYS A C   1 
ATOM   145 O  O   . CYS A 1 24 ? -3.966  2.829   7.396   1.00 31.84 ? 924  CYS A O   1 
ATOM   146 C  CB  . CYS A 1 24 ? -3.179  0.713   4.819   1.00 30.03 ? 924  CYS A CB  1 
ATOM   147 S  SG  . CYS A 1 24 ? -3.912  -0.603  5.727   1.00 40.76 ? 924  CYS A SG  1 
ATOM   148 N  N   . CYS A 1 25 ? -1.913  2.981   6.494   1.00 26.28 ? 925  CYS A N   1 
ATOM   149 C  CA  . CYS A 1 25 ? -1.285  3.631   7.637   1.00 27.87 ? 925  CYS A CA  1 
ATOM   150 C  C   . CYS A 1 25 ? -1.190  5.151   7.503   1.00 28.71 ? 925  CYS A C   1 
ATOM   151 O  O   . CYS A 1 25 ? -0.887  5.825   8.498   1.00 27.86 ? 925  CYS A O   1 
ATOM   152 C  CB  . CYS A 1 25 ? 0.133   3.063   7.844   1.00 25.59 ? 925  CYS A CB  1 
ATOM   153 S  SG  . CYS A 1 25 ? 1.243   3.222   6.377   1.00 24.05 ? 925  CYS A SG  1 
ATOM   154 N  N   . ASN A 1 26 ? -1.413  5.698   6.302   1.00 25.14 ? 926  ASN A N   1 
ATOM   155 C  CA  . ASN A 1 26 ? -1.237  7.130   6.028   1.00 27.64 ? 926  ASN A CA  1 
ATOM   156 C  C   . ASN A 1 26 ? 0.112   7.638   6.525   1.00 29.53 ? 926  ASN A C   1 
ATOM   157 O  O   . ASN A 1 26 ? 0.237   8.759   7.024   1.00 32.74 ? 926  ASN A O   1 
ATOM   158 C  CB  . ASN A 1 26 ? -2.387  7.938   6.611   1.00 28.20 ? 926  ASN A CB  1 
ATOM   159 C  CG  . ASN A 1 26 ? -3.690  7.621   5.927   1.00 32.98 ? 926  ASN A CG  1 
ATOM   160 O  OD1 . ASN A 1 26 ? -3.872  7.950   4.757   1.00 33.85 ? 926  ASN A OD1 1 
ATOM   161 N  ND2 . ASN A 1 26 ? -4.597  6.942   6.635   1.00 35.19 ? 926  ASN A ND2 1 
ATOM   162 N  N   . MET A 1 27 ? 1.147   6.816   6.344   1.00 28.18 ? 927  MET A N   1 
ATOM   163 C  CA  . MET A 1 27 ? 2.432   7.063   6.985   1.00 28.51 ? 927  MET A CA  1 
ATOM   164 C  C   . MET A 1 27 ? 3.622   6.669   6.104   1.00 30.71 ? 927  MET A C   1 
ATOM   165 O  O   . MET A 1 27 ? 4.466   7.510   5.779   1.00 33.45 ? 927  MET A O   1 
ATOM   166 C  CB  . MET A 1 27 ? 2.442   6.314   8.318   1.00 31.86 ? 927  MET A CB  1 
ATOM   167 C  CG  . MET A 1 27 ? 3.744   6.246   9.032   1.00 36.72 ? 927  MET A CG  1 
ATOM   168 S  SD  . MET A 1 27 ? 4.152   7.829   9.734   1.00 49.88 ? 927  MET A SD  1 
ATOM   169 C  CE  . MET A 1 27 ? 2.580   8.413   10.414  1.00 40.60 ? 927  MET A CE  1 
ATOM   170 N  N   . ARG A 1 28 ? 3.708   5.410   5.696   1.00 24.13 ? 928  ARG A N   1 
ATOM   171 C  CA  . ARG A 1 28 ? 4.849   4.955   4.923   1.00 26.16 ? 928  ARG A CA  1 
ATOM   172 C  C   . ARG A 1 28 ? 4.555   5.032   3.424   1.00 25.69 ? 928  ARG A C   1 
ATOM   173 O  O   . ARG A 1 28 ? 3.404   5.054   2.991   1.00 23.44 ? 928  ARG A O   1 
ATOM   174 C  CB  . ARG A 1 28 ? 5.224   3.526   5.328   1.00 27.74 ? 928  ARG A CB  1 
ATOM   175 C  CG  . ARG A 1 28 ? 5.597   3.409   6.795   1.00 25.97 ? 928  ARG A CG  1 
ATOM   176 C  CD  . ARG A 1 28 ? 5.698   1.951   7.232   1.00 28.69 ? 928  ARG A CD  1 
ATOM   177 N  NE  . ARG A 1 28 ? 4.390   1.315   7.396   1.00 26.42 ? 928  ARG A NE  1 
ATOM   178 C  CZ  . ARG A 1 28 ? 3.700   1.325   8.533   1.00 29.38 ? 928  ARG A CZ  1 
ATOM   179 N  NH1 . ARG A 1 28 ? 4.187   1.958   9.595   1.00 29.63 ? 928  ARG A NH1 1 
ATOM   180 N  NH2 . ARG A 1 28 ? 2.521   0.703   8.614   1.00 26.57 ? 928  ARG A NH2 1 
ATOM   181 N  N   . LYS A 1 29 ? 5.621   5.084   2.625   1.00 24.26 ? 929  LYS A N   1 
ATOM   182 C  CA  . LYS A 1 29 ? 5.432   5.221   1.187   1.00 24.58 ? 929  LYS A CA  1 
ATOM   183 C  C   . LYS A 1 29 ? 4.926   3.913   0.588   1.00 20.92 ? 929  LYS A C   1 
ATOM   184 O  O   . LYS A 1 29 ? 5.249   2.820   1.059   1.00 23.31 ? 929  LYS A O   1 
ATOM   185 C  CB  . LYS A 1 29 ? 6.735   5.640   0.501   1.00 28.51 ? 929  LYS A CB  1 
ATOM   186 C  CG  . LYS A 1 29 ? 7.849   4.643   0.662   1.00 30.01 ? 929  LYS A CG  1 
ATOM   187 C  CD  . LYS A 1 29 ? 8.881   4.803   -0.455  1.00 38.24 ? 929  LYS A CD  1 
ATOM   188 C  CE  . LYS A 1 29 ? 10.158  4.026   -0.160  1.00 40.86 ? 929  LYS A CE  1 
ATOM   189 N  NZ  . LYS A 1 29 ? 9.907   2.574   0.190   1.00 38.07 ? 929  LYS A NZ  1 
ATOM   190 N  N   . LYS A 1 30 ? 4.125   4.038   -0.471  1.00 22.51 ? 930  LYS A N   1 
ATOM   191 C  CA  . LYS A 1 30 ? 3.710   2.880   -1.253  1.00 21.82 ? 930  LYS A CA  1 
ATOM   192 C  C   . LYS A 1 30 ? 4.916   2.173   -1.863  1.00 23.71 ? 930  LYS A C   1 
ATOM   193 O  O   . LYS A 1 30 ? 5.733   2.807   -2.536  1.00 25.96 ? 930  LYS A O   1 
ATOM   194 C  CB  . LYS A 1 30 ? 2.763   3.329   -2.365  1.00 22.79 ? 930  LYS A CB  1 
ATOM   195 C  CG  . LYS A 1 30 ? 1.402   3.768   -1.854  1.00 22.84 ? 930  LYS A CG  1 
ATOM   196 C  CD  . LYS A 1 30 ? 0.550   4.351   -2.971  1.00 27.49 ? 930  LYS A CD  1 
ATOM   197 C  CE  . LYS A 1 30 ? -0.801  4.851   -2.466  1.00 27.62 ? 930  LYS A CE  1 
ATOM   198 N  NZ  . LYS A 1 30 ? -1.535  5.605   -3.520  1.00 28.36 ? 930  LYS A NZ  1 
ATOM   199 N  N   . ASP A 1 31 ? 5.023   0.858   -1.640  1.00 20.33 ? 931  ASP A N   1 
ATOM   200 C  CA  . ASP A 1 31 ? 6.089   0.063   -2.249  1.00 23.11 ? 931  ASP A CA  1 
ATOM   201 C  C   . ASP A 1 31 ? 5.770   -1.433  -2.268  1.00 24.69 ? 931  ASP A C   1 
ATOM   202 O  O   . ASP A 1 31 ? 6.671   -2.273  -2.159  1.00 23.97 ? 931  ASP A O   1 
ATOM   203 C  CB  . ASP A 1 31 ? 7.422   0.313   -1.535  1.00 26.54 ? 931  ASP A CB  1 
ATOM   204 C  CG  . ASP A 1 31 ? 7.356   0.044   -0.043  1.00 28.00 ? 931  ASP A CG  1 
ATOM   205 O  OD1 . ASP A 1 31 ? 6.387   -0.601  0.421   1.00 25.56 ? 931  ASP A OD1 1 
ATOM   206 O  OD2 . ASP A 1 31 ? 8.284   0.473   0.679   1.00 31.17 ? 931  ASP A OD2 1 
ATOM   207 N  N   . ALA A 1 32 ? 4.493   -1.777  -2.434  1.00 23.23 ? 932  ALA A N   1 
ATOM   208 C  CA  . ALA A 1 32 ? 4.083   -3.170  -2.485  1.00 22.44 ? 932  ALA A CA  1 
ATOM   209 C  C   . ALA A 1 32 ? 2.786   -3.248  -3.266  1.00 22.55 ? 932  ALA A C   1 
ATOM   210 O  O   . ALA A 1 32 ? 1.973   -2.323  -3.213  1.00 22.20 ? 932  ALA A O   1 
ATOM   211 C  CB  . ALA A 1 32 ? 3.895   -3.751  -1.078  1.00 20.82 ? 932  ALA A CB  1 
ATOM   212 N  N   . VAL A 1 33 ? 2.601   -4.345  -4.004  1.00 24.18 ? 933  VAL A N   1 
ATOM   213 C  CA  . VAL A 1 33 ? 1.375   -4.575  -4.767  1.00 23.17 ? 933  VAL A CA  1 
ATOM   214 C  C   . VAL A 1 33 ? 0.818   -5.958  -4.439  1.00 24.87 ? 933  VAL A C   1 
ATOM   215 O  O   . VAL A 1 33 ? 1.571   -6.928  -4.288  1.00 22.31 ? 933  VAL A O   1 
ATOM   216 C  CB  . VAL A 1 33 ? 1.596   -4.412  -6.288  1.00 23.48 ? 933  VAL A CB  1 
ATOM   217 C  CG1 . VAL A 1 33 ? 2.595   -5.411  -6.816  1.00 23.49 ? 933  VAL A CG1 1 
ATOM   218 C  CG2 . VAL A 1 33 ? 0.257   -4.526  -7.021  1.00 25.16 ? 933  VAL A CG2 1 
ATOM   219 N  N   . LEU A 1 34 ? -0.503  -6.024  -4.262  1.00 20.62 ? 934  LEU A N   1 
ATOM   220 C  CA  . LEU A 1 34 ? -1.220  -7.290  -4.170  1.00 23.31 ? 934  LEU A CA  1 
ATOM   221 C  C   . LEU A 1 34 ? -1.591  -7.718  -5.584  1.00 25.47 ? 934  LEU A C   1 
ATOM   222 O  O   . LEU A 1 34 ? -2.297  -6.985  -6.282  1.00 24.71 ? 934  LEU A O   1 
ATOM   223 C  CB  . LEU A 1 34 ? -2.476  -7.136  -3.313  1.00 24.58 ? 934  LEU A CB  1 
ATOM   224 C  CG  . LEU A 1 34 ? -2.252  -6.683  -1.874  1.00 24.89 ? 934  LEU A CG  1 
ATOM   225 C  CD1 . LEU A 1 34 ? -3.559  -6.694  -1.106  1.00 28.35 ? 934  LEU A CD1 1 
ATOM   226 C  CD2 . LEU A 1 34 ? -1.296  -7.586  -1.200  1.00 26.12 ? 934  LEU A CD2 1 
ATOM   227 N  N   . THR A 1 35 ? -1.126  -8.890  -6.011  1.00 22.53 ? 935  THR A N   1 
ATOM   228 C  CA  . THR A 1 35 ? -1.265  -9.253  -7.411  1.00 24.66 ? 935  THR A CA  1 
ATOM   229 C  C   . THR A 1 35 ? -2.576  -9.962  -7.734  1.00 28.28 ? 935  THR A C   1 
ATOM   230 O  O   . THR A 1 35 ? -2.821  -10.268 -8.905  1.00 30.12 ? 935  THR A O   1 
ATOM   231 C  CB  . THR A 1 35 ? -0.076  -10.102 -7.844  1.00 27.71 ? 935  THR A CB  1 
ATOM   232 O  OG1 . THR A 1 35 ? 0.119   -11.167 -6.912  1.00 29.95 ? 935  THR A OG1 1 
ATOM   233 C  CG2 . THR A 1 35 ? 1.170   -9.248  -7.871  1.00 27.76 ? 935  THR A CG2 1 
ATOM   234 N  N   . LYS A 1 36 ? -3.445  -10.195 -6.753  1.00 28.97 ? 936  LYS A N   1 
ATOM   235 C  CA  . LYS A 1 36 ? -4.788  -10.660 -7.098  1.00 30.68 ? 936  LYS A CA  1 
ATOM   236 C  C   . LYS A 1 36 ? -5.673  -9.517  -7.589  1.00 33.36 ? 936  LYS A C   1 
ATOM   237 O  O   . LYS A 1 36 ? -6.422  -9.677  -8.560  1.00 36.53 ? 936  LYS A O   1 
ATOM   238 C  CB  . LYS A 1 36 ? -5.439  -11.346 -5.902  1.00 32.73 ? 936  LYS A CB  1 
ATOM   239 C  CG  . LYS A 1 36 ? -4.809  -12.680 -5.537  1.00 33.59 ? 936  LYS A CG  1 
ATOM   240 C  CD  . LYS A 1 36 ? -4.874  -13.646 -6.699  1.00 34.80 ? 936  LYS A CD  1 
ATOM   241 C  CE  . LYS A 1 36 ? -4.530  -15.051 -6.254  1.00 38.85 ? 936  LYS A CE  1 
ATOM   242 N  NZ  . LYS A 1 36 ? -4.756  -16.015 -7.377  1.00 47.44 ? 936  LYS A NZ  1 
ATOM   243 N  N   . CYS A 1 37 ? -5.595  -8.364  -6.935  1.00 27.41 ? 937  CYS A N   1 
ATOM   244 C  CA  . CYS A 1 37 ? -6.443  -7.223  -7.230  1.00 28.59 ? 937  CYS A CA  1 
ATOM   245 C  C   . CYS A 1 37 ? -5.669  -5.994  -7.697  1.00 29.37 ? 937  CYS A C   1 
ATOM   246 O  O   . CYS A 1 37 ? -6.293  -5.030  -8.172  1.00 29.96 ? 937  CYS A O   1 
ATOM   247 C  CB  . CYS A 1 37 ? -7.254  -6.857  -5.979  1.00 28.33 ? 937  CYS A CB  1 
ATOM   248 S  SG  . CYS A 1 37 ? -6.165  -6.536  -4.571  1.00 27.75 ? 937  CYS A SG  1 
ATOM   249 N  N   . PHE A 1 38 ? -4.338  -5.990  -7.548  1.00 27.25 ? 938  PHE A N   1 
ATOM   250 C  CA  . PHE A 1 38 ? -3.449  -4.923  -8.011  1.00 24.73 ? 938  PHE A CA  1 
ATOM   251 C  C   . PHE A 1 38 ? -3.644  -3.610  -7.258  1.00 26.11 ? 938  PHE A C   1 
ATOM   252 O  O   . PHE A 1 38 ? -3.419  -2.521  -7.799  1.00 28.30 ? 938  PHE A O   1 
ATOM   253 C  CB  . PHE A 1 38 ? -3.562  -4.747  -9.522  1.00 25.51 ? 938  PHE A CB  1 
ATOM   254 C  CG  . PHE A 1 38 ? -2.927  -5.874  -10.250 1.00 23.67 ? 938  PHE A CG  1 
ATOM   255 C  CD1 . PHE A 1 38 ? -1.550  -5.916  -10.394 1.00 25.05 ? 938  PHE A CD1 1 
ATOM   256 C  CD2 . PHE A 1 38 ? -3.682  -6.946  -10.690 1.00 27.06 ? 938  PHE A CD2 1 
ATOM   257 C  CE1 . PHE A 1 38 ? -0.946  -6.986  -11.016 1.00 26.49 ? 938  PHE A CE1 1 
ATOM   258 C  CE2 . PHE A 1 38 ? -3.079  -8.011  -11.319 1.00 28.27 ? 938  PHE A CE2 1 
ATOM   259 C  CZ  . PHE A 1 38 ? -1.716  -8.034  -11.467 1.00 27.93 ? 938  PHE A CZ  1 
ATOM   260 N  N   . HIS A 1 39 ? -3.981  -3.700  -5.982  1.00 26.49 ? 939  HIS A N   1 
ATOM   261 C  CA  . HIS A 1 39 ? -3.949  -2.532  -5.123  1.00 25.09 ? 939  HIS A CA  1 
ATOM   262 C  C   . HIS A 1 39 ? -2.586  -2.402  -4.440  1.00 24.51 ? 939  HIS A C   1 
ATOM   263 O  O   . HIS A 1 39 ? -1.908  -3.396  -4.159  1.00 24.21 ? 939  HIS A O   1 
ATOM   264 C  CB  . HIS A 1 39 ? -5.077  -2.612  -4.100  1.00 26.90 ? 939  HIS A CB  1 
ATOM   265 C  CG  . HIS A 1 39 ? -6.431  -2.423  -4.710  1.00 29.16 ? 939  HIS A CG  1 
ATOM   266 N  ND1 . HIS A 1 39 ? -7.482  -3.287  -4.488  1.00 32.84 ? 939  HIS A ND1 1 
ATOM   267 C  CD2 . HIS A 1 39 ? -6.892  -1.481  -5.569  1.00 34.40 ? 939  HIS A CD2 1 
ATOM   268 C  CE1 . HIS A 1 39 ? -8.538  -2.873  -5.168  1.00 33.03 ? 939  HIS A CE1 1 
ATOM   269 N  NE2 . HIS A 1 39 ? -8.207  -1.777  -5.830  1.00 35.26 ? 939  HIS A NE2 1 
ATOM   270 N  N   . VAL A 1 40 ? -2.202  -1.159  -4.170  1.00 20.78 ? 940  VAL A N   1 
ATOM   271 C  CA  . VAL A 1 40 ? -0.841  -0.799  -3.775  1.00 22.89 ? 940  VAL A CA  1 
ATOM   272 C  C   . VAL A 1 40 ? -0.864  -0.234  -2.358  1.00 23.89 ? 940  VAL A C   1 
ATOM   273 O  O   . VAL A 1 40 ? -1.722  0.593   -2.028  1.00 23.12 ? 940  VAL A O   1 
ATOM   274 C  CB  . VAL A 1 40 ? -0.243  0.224   -4.773  1.00 23.02 ? 940  VAL A CB  1 
ATOM   275 C  CG1 . VAL A 1 40 ? 1.168   0.664   -4.346  1.00 21.93 ? 940  VAL A CG1 1 
ATOM   276 C  CG2 . VAL A 1 40 ? -0.216  -0.351  -6.185  1.00 23.45 ? 940  VAL A CG2 1 
ATOM   277 N  N   . PHE A 1 41 ? 0.089   -0.671  -1.526  1.00 22.38 ? 941  PHE A N   1 
ATOM   278 C  CA  . PHE A 1 41 ? 0.241   -0.205  -0.144  1.00 20.44 ? 941  PHE A CA  1 
ATOM   279 C  C   . PHE A 1 41 ? 1.729   -0.176  0.199   1.00 21.98 ? 941  PHE A C   1 
ATOM   280 O  O   . PHE A 1 41 ? 2.575   -0.461  -0.648  1.00 20.19 ? 941  PHE A O   1 
ATOM   281 C  CB  . PHE A 1 41 ? -0.495  -1.121  0.833   1.00 22.14 ? 941  PHE A CB  1 
ATOM   282 C  CG  . PHE A 1 41 ? -1.927  -1.382  0.452   1.00 21.75 ? 941  PHE A CG  1 
ATOM   283 C  CD1 . PHE A 1 41 ? -2.935  -0.540  0.914   1.00 27.12 ? 941  PHE A CD1 1 
ATOM   284 C  CD2 . PHE A 1 41 ? -2.261  -2.459  -0.376  1.00 24.58 ? 941  PHE A CD2 1 
ATOM   285 C  CE1 . PHE A 1 41 ? -4.264  -0.773  0.577   1.00 26.14 ? 941  PHE A CE1 1 
ATOM   286 C  CE2 . PHE A 1 41 ? -3.595  -2.696  -0.728  1.00 25.55 ? 941  PHE A CE2 1 
ATOM   287 C  CZ  . PHE A 1 41 ? -4.590  -1.849  -0.254  1.00 28.07 ? 941  PHE A CZ  1 
ATOM   288 N  N   . CYS A 1 42 ? 2.051   0.139   1.459   1.00 19.28 ? 942  CYS A N   1 
ATOM   289 C  CA  . CYS A 1 42 ? 3.420   -0.070  1.911   1.00 19.85 ? 942  CYS A CA  1 
ATOM   290 C  C   . CYS A 1 42 ? 3.631   -1.545  2.209   1.00 23.81 ? 942  CYS A C   1 
ATOM   291 O  O   . CYS A 1 42 ? 2.678   -2.298  2.436   1.00 20.61 ? 942  CYS A O   1 
ATOM   292 C  CB  . CYS A 1 42 ? 3.744   0.775   3.154   1.00 20.25 ? 942  CYS A CB  1 
ATOM   293 S  SG  . CYS A 1 42 ? 2.992   0.260   4.734   1.00 21.36 ? 942  CYS A SG  1 
ATOM   294 N  N   . PHE A 1 43 ? 4.896   -1.967  2.213   1.00 20.66 ? 943  PHE A N   1 
ATOM   295 C  CA  . PHE A 1 43 ? 5.167   -3.378  2.452   1.00 21.51 ? 943  PHE A CA  1 
ATOM   296 C  C   . PHE A 1 43 ? 4.821   -3.774  3.881   1.00 24.56 ? 943  PHE A C   1 
ATOM   297 O  O   . PHE A 1 43 ? 4.242   -4.843  4.111   1.00 23.30 ? 943  PHE A O   1 
ATOM   298 C  CB  . PHE A 1 43 ? 6.630   -3.697  2.149   1.00 25.61 ? 943  PHE A CB  1 
ATOM   299 C  CG  . PHE A 1 43 ? 6.926   -5.158  2.144   1.00 24.97 ? 943  PHE A CG  1 
ATOM   300 C  CD1 . PHE A 1 43 ? 6.568   -5.941  1.067   1.00 25.80 ? 943  PHE A CD1 1 
ATOM   301 C  CD2 . PHE A 1 43 ? 7.550   -5.753  3.228   1.00 27.39 ? 943  PHE A CD2 1 
ATOM   302 C  CE1 . PHE A 1 43 ? 6.837   -7.309  1.059   1.00 28.89 ? 943  PHE A CE1 1 
ATOM   303 C  CE2 . PHE A 1 43 ? 7.812   -7.108  3.231   1.00 29.83 ? 943  PHE A CE2 1 
ATOM   304 C  CZ  . PHE A 1 43 ? 7.461   -7.885  2.141   1.00 30.48 ? 943  PHE A CZ  1 
ATOM   305 N  N   . GLU A 1 44 ? 5.126   -2.917  4.853   1.00 23.11 ? 944  GLU A N   1 
ATOM   306 C  CA  . GLU A 1 44 ? 4.873   -3.285  6.244   1.00 25.24 ? 944  GLU A CA  1 
ATOM   307 C  C   . GLU A 1 44 ? 3.395   -3.569  6.514   1.00 23.94 ? 944  GLU A C   1 
ATOM   308 O  O   . GLU A 1 44 ? 3.066   -4.525  7.222   1.00 24.96 ? 944  GLU A O   1 
ATOM   309 C  CB  . GLU A 1 44 ? 5.374   -2.194  7.176   1.00 25.92 ? 944  GLU A CB  1 
ATOM   310 C  CG  . GLU A 1 44 ? 5.082   -2.530  8.606   1.00 27.63 ? 944  GLU A CG  1 
ATOM   311 C  CD  . GLU A 1 44 ? 5.926   -1.736  9.556   1.00 36.26 ? 944  GLU A CD  1 
ATOM   312 O  OE1 . GLU A 1 44 ? 6.687   -0.856  9.075   1.00 34.48 ? 944  GLU A OE1 1 
ATOM   313 O  OE2 . GLU A 1 44 ? 5.829   -2.000  10.781  1.00 38.10 ? 944  GLU A OE2 1 
ATOM   314 N  N   . CYS A 1 45 ? 2.486   -2.742  5.991   1.00 22.20 ? 945  CYS A N   1 
ATOM   315 C  CA  . CYS A 1 45 ? 1.058   -2.997  6.206   1.00 25.52 ? 945  CYS A CA  1 
ATOM   316 C  C   . CYS A 1 45 ? 0.633   -4.359  5.654   1.00 26.61 ? 945  CYS A C   1 
ATOM   317 O  O   . CYS A 1 45 ? -0.107  -5.110  6.309   1.00 26.50 ? 945  CYS A O   1 
ATOM   318 C  CB  . CYS A 1 45 ? 0.223   -1.888  5.565   1.00 22.78 ? 945  CYS A CB  1 
ATOM   319 S  SG  . CYS A 1 45 ? 0.088   -0.376  6.558   1.00 22.51 ? 945  CYS A SG  1 
ATOM   320 N  N   . VAL A 1 46 ? 1.060   -4.678  4.433   1.00 23.69 ? 946  VAL A N   1 
ATOM   321 C  CA  . VAL A 1 46 ? 0.669   -5.942  3.809   1.00 24.36 ? 946  VAL A CA  1 
ATOM   322 C  C   . VAL A 1 46 ? 1.304   -7.129  4.531   1.00 27.21 ? 946  VAL A C   1 
ATOM   323 O  O   . VAL A 1 46 ? 0.645   -8.151  4.777   1.00 26.07 ? 946  VAL A O   1 
ATOM   324 C  CB  . VAL A 1 46 ? 1.049   -5.918  2.320   1.00 23.38 ? 946  VAL A CB  1 
ATOM   325 C  CG1 . VAL A 1 46 ? 0.776   -7.265  1.690   1.00 31.04 ? 946  VAL A CG1 1 
ATOM   326 C  CG2 . VAL A 1 46 ? 0.280   -4.823  1.613   1.00 28.01 ? 946  VAL A CG2 1 
ATOM   327 N  N   . LYS A 1 47 ? 2.595   -7.014  4.869   1.00 25.82 ? 947  LYS A N   1 
ATOM   328 C  CA  . LYS A 1 47 ? 3.328   -8.095  5.529   1.00 25.51 ? 947  LYS A CA  1 
ATOM   329 C  C   . LYS A 1 47 ? 2.791   -8.357  6.932   1.00 29.42 ? 947  LYS A C   1 
ATOM   330 O  O   . LYS A 1 47 ? 2.657   -9.520  7.351   1.00 26.10 ? 947  LYS A O   1 
ATOM   331 C  CB  . LYS A 1 47 ? 4.818   -7.739  5.562   1.00 26.63 ? 947  LYS A CB  1 
ATOM   332 C  CG  . LYS A 1 47 ? 5.720   -8.680  6.342   1.00 28.91 ? 947  LYS A CG  1 
ATOM   333 C  CD  . LYS A 1 47 ? 5.854   -10.012 5.637   1.00 33.49 ? 947  LYS A CD  1 
ATOM   334 C  CE  . LYS A 1 47 ? 6.911   -10.880 6.298   1.00 35.13 ? 947  LYS A CE  1 
ATOM   335 N  NZ  . LYS A 1 47 ? 6.640   -12.314 5.987   1.00 42.50 ? 947  LYS A NZ  1 
ATOM   336 N  N   . THR A 1 48 ? 2.473   -7.294  7.681   1.00 26.47 ? 948  THR A N   1 
ATOM   337 C  CA  . THR A 1 48 ? 1.892   -7.498  9.005   1.00 25.53 ? 948  THR A CA  1 
ATOM   338 C  C   . THR A 1 48 ? 0.514   -8.144  8.910   1.00 26.62 ? 948  THR A C   1 
ATOM   339 O  O   . THR A 1 48 ? 0.167   -8.990  9.740   1.00 28.11 ? 948  THR A O   1 
ATOM   340 C  CB  . THR A 1 48 ? 1.815   -6.176  9.782   1.00 25.44 ? 948  THR A CB  1 
ATOM   341 O  OG1 . THR A 1 48 ? 1.090   -5.217  9.020   1.00 30.48 ? 948  THR A OG1 1 
ATOM   342 C  CG2 . THR A 1 48 ? 3.188   -5.639  10.085  1.00 27.31 ? 948  THR A CG2 1 
ATOM   343 N  N   . ARG A 1 49 ? -0.294  -7.765  7.915   1.00 25.31 ? 949  ARG A N   1 
ATOM   344 C  CA  . ARG A 1 49 ? -1.559  -8.466  7.709   1.00 24.86 ? 949  ARG A CA  1 
ATOM   345 C  C   . ARG A 1 49 ? -1.321  -9.916  7.333   1.00 29.00 ? 949  ARG A C   1 
ATOM   346 O  O   . ARG A 1 49 ? -2.010  -10.817 7.824   1.00 30.92 ? 949  ARG A O   1 
ATOM   347 C  CB  . ARG A 1 49 ? -2.391  -7.771  6.631   1.00 26.50 ? 949  ARG A CB  1 
ATOM   348 C  CG  . ARG A 1 49 ? -2.865  -6.385  7.059   1.00 28.48 ? 949  ARG A CG  1 
ATOM   349 C  CD  . ARG A 1 49 ? -4.069  -5.903  6.260   1.00 34.89 ? 949  ARG A CD  1 
ATOM   350 N  NE  . ARG A 1 49 ? -4.491  -4.577  6.719   1.00 35.71 ? 949  ARG A NE  1 
ATOM   351 C  CZ  . ARG A 1 49 ? -5.748  -4.143  6.719   1.00 32.65 ? 949  ARG A CZ  1 
ATOM   352 N  NH1 . ARG A 1 49 ? -6.721  -4.927  6.293   1.00 31.23 ? 949  ARG A NH1 1 
ATOM   353 N  NH2 . ARG A 1 49 ? -6.027  -2.923  7.158   1.00 31.58 ? 949  ARG A NH2 1 
ATOM   354 N  N   . TYR A 1 50 ? -0.342  -10.173 6.475   1.00 25.98 ? 950  TYR A N   1 
ATOM   355 C  CA  . TYR A 1 50 ? -0.085  -11.552 6.092   1.00 25.73 ? 950  TYR A CA  1 
ATOM   356 C  C   . TYR A 1 50 ? 0.353   -12.376 7.296   1.00 26.39 ? 950  TYR A C   1 
ATOM   357 O  O   . TYR A 1 50 ? -0.186  -13.464 7.549   1.00 27.61 ? 950  TYR A O   1 
ATOM   358 C  CB  . TYR A 1 50 ? 0.970   -11.617 4.990   1.00 26.27 ? 950  TYR A CB  1 
ATOM   359 C  CG  . TYR A 1 50 ? 1.273   -13.057 4.655   1.00 26.29 ? 950  TYR A CG  1 
ATOM   360 C  CD1 . TYR A 1 50 ? 0.451   -13.762 3.789   1.00 28.07 ? 950  TYR A CD1 1 
ATOM   361 C  CD2 . TYR A 1 50 ? 2.356   -13.720 5.241   1.00 27.89 ? 950  TYR A CD2 1 
ATOM   362 C  CE1 . TYR A 1 50 ? 0.705   -15.082 3.495   1.00 27.85 ? 950  TYR A CE1 1 
ATOM   363 C  CE2 . TYR A 1 50 ? 2.616   -15.037 4.956   1.00 28.50 ? 950  TYR A CE2 1 
ATOM   364 C  CZ  . TYR A 1 50 ? 1.784   -15.711 4.089   1.00 28.36 ? 950  TYR A CZ  1 
ATOM   365 O  OH  . TYR A 1 50 ? 2.032   -17.032 3.799   1.00 34.65 ? 950  TYR A OH  1 
ATOM   366 N  N   . ASP A 1 51 ? 1.327   -11.863 8.061   1.00 25.41 ? 951  ASP A N   1 
ATOM   367 C  CA  . ASP A 1 51 ? 1.881   -12.622 9.178   1.00 27.35 ? 951  ASP A CA  1 
ATOM   368 C  C   . ASP A 1 51 ? 0.841   -12.873 10.263  1.00 29.45 ? 951  ASP A C   1 
ATOM   369 O  O   . ASP A 1 51 ? 0.897   -13.904 10.943  1.00 30.46 ? 951  ASP A O   1 
ATOM   370 C  CB  . ASP A 1 51 ? 3.100   -11.902 9.754   1.00 25.07 ? 951  ASP A CB  1 
ATOM   371 C  CG  . ASP A 1 51 ? 4.315   -11.979 8.835   1.00 31.86 ? 951  ASP A CG  1 
ATOM   372 O  OD1 . ASP A 1 51 ? 4.288   -12.755 7.850   1.00 33.64 ? 951  ASP A OD1 1 
ATOM   373 O  OD2 . ASP A 1 51 ? 5.308   -11.268 9.099   1.00 35.71 ? 951  ASP A OD2 1 
ATOM   374 N  N   . THR A 1 52 ? -0.126  -11.972 10.430  1.00 26.51 ? 952  THR A N   1 
ATOM   375 C  CA  . THR A 1 52 ? -1.167  -12.170 11.434  1.00 30.48 ? 952  THR A CA  1 
ATOM   376 C  C   . THR A 1 52 ? -2.385  -12.911 10.893  1.00 29.40 ? 952  THR A C   1 
ATOM   377 O  O   . THR A 1 52 ? -3.380  -13.041 11.613  1.00 29.76 ? 952  THR A O   1 
ATOM   378 C  CB  . THR A 1 52 ? -1.605  -10.825 12.036  1.00 29.56 ? 952  THR A CB  1 
ATOM   379 O  OG1 . THR A 1 52 ? -2.047  -9.940  10.994  1.00 31.11 ? 952  THR A OG1 1 
ATOM   380 C  CG2 . THR A 1 52 ? -0.464  -10.186 12.824  1.00 29.55 ? 952  THR A CG2 1 
ATOM   381 N  N   . ARG A 1 53 ? -2.322  -13.413 9.660   1.00 27.12 ? 953  ARG A N   1 
ATOM   382 C  CA  . ARG A 1 53 ? -3.380  -14.184 9.007   1.00 28.93 ? 953  ARG A CA  1 
ATOM   383 C  C   . ARG A 1 53 ? -4.595  -13.346 8.663   1.00 29.00 ? 953  ARG A C   1 
ATOM   384 O  O   . ARG A 1 53 ? -5.669  -13.894 8.409   1.00 29.76 ? 953  ARG A O   1 
ATOM   385 C  CB  . ARG A 1 53 ? -3.803  -15.401 9.836   1.00 28.93 ? 953  ARG A CB  1 
ATOM   386 C  CG  . ARG A 1 53 ? -2.632  -16.198 10.280  1.00 31.24 ? 953  ARG A CG  1 
ATOM   387 C  CD  . ARG A 1 53 ? -3.027  -17.516 10.907  1.00 37.55 ? 953  ARG A CD  1 
ATOM   388 N  NE  . ARG A 1 53 ? -1.885  -18.423 10.845  1.00 44.33 ? 953  ARG A NE  1 
ATOM   389 C  CZ  . ARG A 1 53 ? -1.613  -19.192 9.794   1.00 42.09 ? 953  ARG A CZ  1 
ATOM   390 N  NH1 . ARG A 1 53 ? -2.421  -19.175 8.733   1.00 38.09 ? 953  ARG A NH1 1 
ATOM   391 N  NH2 . ARG A 1 53 ? -0.543  -19.979 9.809   1.00 45.53 ? 953  ARG A NH2 1 
ATOM   392 N  N   . GLN A 1 54 ? -4.442  -12.027 8.619   1.00 26.11 ? 954  GLN A N   1 
ATOM   393 C  CA  . GLN A 1 54 ? -5.504  -11.145 8.138   1.00 28.62 ? 954  GLN A CA  1 
ATOM   394 C  C   . GLN A 1 54 ? -5.302  -10.919 6.638   1.00 30.08 ? 954  GLN A C   1 
ATOM   395 O  O   . GLN A 1 54 ? -4.985  -9.830  6.159   1.00 32.47 ? 954  GLN A O   1 
ATOM   396 C  CB  . GLN A 1 54 ? -5.499  -9.839  8.925   1.00 31.80 ? 954  GLN A CB  1 
ATOM   397 C  CG  . GLN A 1 54 ? -5.223  -10.021 10.433  1.00 29.85 ? 954  GLN A CG  1 
ATOM   398 C  CD  . GLN A 1 54 ? -5.157  -8.696  11.181  1.00 31.04 ? 954  GLN A CD  1 
ATOM   399 O  OE1 . GLN A 1 54 ? -6.110  -7.927  11.179  1.00 32.04 ? 954  GLN A OE1 1 
ATOM   400 N  NE2 . GLN A 1 54 ? -4.019  -8.414  11.803  1.00 31.17 ? 954  GLN A NE2 1 
ATOM   401 N  N   . ARG A 1 55 ? -5.486  -11.994 5.888   1.00 29.25 ? 955  ARG A N   1 
ATOM   402 C  CA  . ARG A 1 55 ? -4.982  -12.050 4.519   1.00 27.28 ? 955  ARG A CA  1 
ATOM   403 C  C   . ARG A 1 55 ? -6.056  -11.642 3.512   1.00 27.34 ? 955  ARG A C   1 
ATOM   404 O  O   . ARG A 1 55 ? -6.450  -12.394 2.623   1.00 30.26 ? 955  ARG A O   1 
ATOM   405 C  CB  . ARG A 1 55 ? -4.427  -13.437 4.241   1.00 27.04 ? 955  ARG A CB  1 
ATOM   406 C  CG  . ARG A 1 55 ? -3.269  -13.740 5.155   1.00 26.41 ? 955  ARG A CG  1 
ATOM   407 C  CD  . ARG A 1 55 ? -2.767  -15.134 5.007   1.00 27.67 ? 955  ARG A CD  1 
ATOM   408 N  NE  . ARG A 1 55 ? -1.665  -15.365 5.923   1.00 26.59 ? 955  ARG A NE  1 
ATOM   409 C  CZ  . ARG A 1 55 ? -1.113  -16.555 6.134   1.00 30.27 ? 955  ARG A CZ  1 
ATOM   410 N  NH1 . ARG A 1 55 ? -1.564  -17.614 5.476   1.00 31.16 ? 955  ARG A NH1 1 
ATOM   411 N  NH2 . ARG A 1 55 ? -0.114  -16.679 6.999   1.00 28.39 ? 955  ARG A NH2 1 
ATOM   412 N  N   . LYS A 1 56 ? -6.506  -10.403 3.651   1.00 28.37 ? 956  LYS A N   1 
ATOM   413 C  CA  . LYS A 1 56 ? -7.416  -9.784  2.703   1.00 28.68 ? 956  LYS A CA  1 
ATOM   414 C  C   . LYS A 1 56 ? -6.900  -8.403  2.355   1.00 28.69 ? 956  LYS A C   1 
ATOM   415 O  O   . LYS A 1 56 ? -6.310  -7.718  3.195   1.00 29.91 ? 956  LYS A O   1 
ATOM   416 C  CB  . LYS A 1 56 ? -8.834  -9.686  3.267   1.00 31.00 ? 956  LYS A CB  1 
ATOM   417 C  CG  . LYS A 1 56 ? -9.417  -11.045 3.538   1.00 31.87 ? 956  LYS A CG  1 
ATOM   418 C  CD  . LYS A 1 56 ? -10.762 -10.984 4.196   1.00 33.35 ? 956  LYS A CD  1 
ATOM   419 C  CE  . LYS A 1 56 ? -11.153 -12.400 4.546   1.00 38.38 ? 956  LYS A CE  1 
ATOM   420 N  NZ  . LYS A 1 56 ? -9.931  -13.173 4.978   1.00 36.86 ? 956  LYS A NZ  1 
ATOM   421 N  N   . CYS A 1 57 ? -7.131  -8.001  1.110   1.00 28.12 ? 957  CYS A N   1 
ATOM   422 C  CA  . CYS A 1 57 ? -6.715  -6.678  0.667   1.00 27.90 ? 957  CYS A CA  1 
ATOM   423 C  C   . CYS A 1 57 ? -7.385  -5.606  1.520   1.00 30.73 ? 957  CYS A C   1 
ATOM   424 O  O   . CYS A 1 57 ? -8.613  -5.635  1.695   1.00 32.48 ? 957  CYS A O   1 
ATOM   425 C  CB  . CYS A 1 57 ? -7.068  -6.467  -0.804  1.00 29.90 ? 957  CYS A CB  1 
ATOM   426 S  SG  . CYS A 1 57 ? -6.835  -4.792  -1.375  1.00 28.27 ? 957  CYS A SG  1 
ATOM   427 N  N   . PRO A 1 58 ? -6.622  -4.662  2.074   1.00 30.60 ? 958  PRO A N   1 
ATOM   428 C  CA  . PRO A 1 58 ? -7.237  -3.590  2.872   1.00 31.11 ? 958  PRO A CA  1 
ATOM   429 C  C   . PRO A 1 58 ? -8.245  -2.762  2.102   1.00 32.92 ? 958  PRO A C   1 
ATOM   430 O  O   . PRO A 1 58 ? -9.169  -2.195  2.699   1.00 37.49 ? 958  PRO A O   1 
ATOM   431 C  CB  . PRO A 1 58 ? -6.028  -2.747  3.298   1.00 32.18 ? 958  PRO A CB  1 
ATOM   432 C  CG  . PRO A 1 58 ? -4.898  -3.711  3.314   1.00 32.61 ? 958  PRO A CG  1 
ATOM   433 C  CD  . PRO A 1 58 ? -5.150  -4.643  2.157   1.00 30.95 ? 958  PRO A CD  1 
ATOM   434 N  N   . LYS A 1 59 ? -8.089  -2.660  0.792   1.00 30.76 ? 959  LYS A N   1 
ATOM   435 C  CA  . LYS A 1 59 ? -8.965  -1.809  -0.001  1.00 34.33 ? 959  LYS A CA  1 
ATOM   436 C  C   . LYS A 1 59 ? -10.254 -2.540  -0.348  1.00 34.33 ? 959  LYS A C   1 
ATOM   437 O  O   . LYS A 1 59 ? -11.350 -2.076  -0.019  1.00 37.99 ? 959  LYS A O   1 
ATOM   438 C  CB  . LYS A 1 59 ? -8.242  -1.366  -1.278  1.00 34.19 ? 959  LYS A CB  1 
ATOM   439 C  CG  . LYS A 1 59 ? -9.113  -0.654  -2.303  1.00 38.90 ? 959  LYS A CG  1 
ATOM   440 C  CD  . LYS A 1 59 ? -9.462  0.742   -1.849  1.00 41.00 ? 959  LYS A CD  1 
ATOM   441 C  CE  . LYS A 1 59 ? -10.317 1.440   -2.883  1.00 45.13 ? 959  LYS A CE  1 
ATOM   442 N  NZ  . LYS A 1 59 ? -9.651  1.445   -4.208  1.00 45.86 ? 959  LYS A NZ  1 
ATOM   443 N  N   . CYS A 1 60 ? -10.128 -3.705  -0.994  1.00 33.14 ? 960  CYS A N   1 
ATOM   444 C  CA  . CYS A 1 60 ? -11.238 -4.393  -1.641  1.00 33.42 ? 960  CYS A CA  1 
ATOM   445 C  C   . CYS A 1 60 ? -11.569 -5.738  -1.023  1.00 34.47 ? 960  CYS A C   1 
ATOM   446 O  O   . CYS A 1 60 ? -12.480 -6.411  -1.524  1.00 35.97 ? 960  CYS A O   1 
ATOM   447 C  CB  . CYS A 1 60 ? -10.939 -4.622  -3.127  1.00 33.70 ? 960  CYS A CB  1 
ATOM   448 S  SG  . CYS A 1 60 ? -9.742  -5.969  -3.426  1.00 29.80 ? 960  CYS A SG  1 
ATOM   449 N  N   . ASN A 1 61 ? -10.832 -6.173  0.000   1.00 31.50 ? 961  ASN A N   1 
ATOM   450 C  CA  . ASN A 1 61 ? -11.078 -7.394  0.755   1.00 32.41 ? 961  ASN A CA  1 
ATOM   451 C  C   . ASN A 1 61 ? -10.722 -8.672  -0.006  1.00 32.50 ? 961  ASN A C   1 
ATOM   452 O  O   . ASN A 1 61 ? -10.975 -9.768  0.507   1.00 32.83 ? 961  ASN A O   1 
ATOM   453 C  CB  . ASN A 1 61 ? -12.539 -7.484  1.220   1.00 37.01 ? 961  ASN A CB  1 
ATOM   454 C  CG  . ASN A 1 61 ? -12.685 -8.178  2.539   1.00 38.69 ? 961  ASN A CG  1 
ATOM   455 O  OD1 . ASN A 1 61 ? -11.895 -7.954  3.457   1.00 39.18 ? 961  ASN A OD1 1 
ATOM   456 N  ND2 . ASN A 1 61 ? -13.702 -9.034  2.650   1.00 41.52 ? 961  ASN A ND2 1 
ATOM   457 N  N   . ALA A 1 62 ? -10.154 -8.585  -1.203  1.00 30.87 ? 962  ALA A N   1 
ATOM   458 C  CA  . ALA A 1 62 ? -9.770  -9.807  -1.902  1.00 30.31 ? 962  ALA A CA  1 
ATOM   459 C  C   . ALA A 1 62 ? -8.755  -10.593 -1.078  1.00 30.14 ? 962  ALA A C   1 
ATOM   460 O  O   . ALA A 1 62 ? -7.832  -10.021 -0.495  1.00 30.67 ? 962  ALA A O   1 
ATOM   461 C  CB  . ALA A 1 62 ? -9.188  -9.472  -3.274  1.00 32.79 ? 962  ALA A CB  1 
ATOM   462 N  N   . ALA A 1 63 ? -8.926  -11.911 -1.020  1.00 28.50 ? 963  ALA A N   1 
ATOM   463 C  CA  . ALA A 1 63 ? -7.972  -12.730 -0.290  1.00 26.87 ? 963  ALA A CA  1 
ATOM   464 C  C   . ALA A 1 63 ? -6.633  -12.747 -1.012  1.00 30.00 ? 963  ALA A C   1 
ATOM   465 O  O   . ALA A 1 63 ? -6.560  -12.575 -2.230  1.00 28.81 ? 963  ALA A O   1 
ATOM   466 C  CB  . ALA A 1 63 ? -8.488  -14.155 -0.145  1.00 29.08 ? 963  ALA A CB  1 
ATOM   467 N  N   . PHE A 1 64 ? -5.564  -12.958 -0.252  1.00 25.33 ? 964  PHE A N   1 
ATOM   468 C  CA  . PHE A 1 64 ? -4.254  -13.103 -0.866  1.00 27.59 ? 964  PHE A CA  1 
ATOM   469 C  C   . PHE A 1 64 ? -3.408  -14.042 -0.023  1.00 28.63 ? 964  PHE A C   1 
ATOM   470 O  O   . PHE A 1 64 ? -3.601  -14.153 1.184   1.00 29.24 ? 964  PHE A O   1 
ATOM   471 C  CB  . PHE A 1 64 ? -3.554  -11.747 -1.046  1.00 27.82 ? 964  PHE A CB  1 
ATOM   472 C  CG  . PHE A 1 64 ? -3.070  -11.113 0.241   1.00 27.37 ? 964  PHE A CG  1 
ATOM   473 C  CD1 . PHE A 1 64 ? -3.925  -10.363 1.022   1.00 26.51 ? 964  PHE A CD1 1 
ATOM   474 C  CD2 . PHE A 1 64 ? -1.743  -11.242 0.646   1.00 25.90 ? 964  PHE A CD2 1 
ATOM   475 C  CE1 . PHE A 1 64 ? -3.480  -9.766  2.183   1.00 25.09 ? 964  PHE A CE1 1 
ATOM   476 C  CE2 . PHE A 1 64 ? -1.287  -10.645 1.806   1.00 24.86 ? 964  PHE A CE2 1 
ATOM   477 C  CZ  . PHE A 1 64 ? -2.154  -9.906  2.583   1.00 27.75 ? 964  PHE A CZ  1 
ATOM   478 N  N   . GLY A 1 65 ? -2.467  -14.722 -0.670  1.00 29.09 ? 965  GLY A N   1 
ATOM   479 C  CA  . GLY A 1 65 ? -1.580  -15.613 0.048   1.00 26.51 ? 965  GLY A CA  1 
ATOM   480 C  C   . GLY A 1 65 ? -0.122  -15.260 -0.138  1.00 29.84 ? 965  GLY A C   1 
ATOM   481 O  O   . GLY A 1 65 ? 0.210   -14.145 -0.565  1.00 24.54 ? 965  GLY A O   1 
ATOM   482 N  N   . ALA A 1 66 ? 0.762   -16.213 0.167   1.00 26.31 ? 966  ALA A N   1 
ATOM   483 C  CA  . ALA A 1 66 ? 2.188   -15.904 0.225   1.00 27.56 ? 966  ALA A CA  1 
ATOM   484 C  C   . ALA A 1 66 ? 2.738   -15.435 -1.117  1.00 28.60 ? 966  ALA A C   1 
ATOM   485 O  O   . ALA A 1 66 ? 3.688   -14.646 -1.152  1.00 31.64 ? 966  ALA A O   1 
ATOM   486 C  CB  . ALA A 1 66 ? 2.963   -17.123 0.711   1.00 31.26 ? 966  ALA A CB  1 
ATOM   487 N  N   . ASN A 1 67 ? 2.174   -15.912 -2.218  1.00 29.46 ? 967  ASN A N   1 
ATOM   488 C  CA  . ASN A 1 67 ? 2.664   -15.585 -3.548  1.00 29.17 ? 967  ASN A CA  1 
ATOM   489 C  C   . ASN A 1 67 ? 1.933   -14.410 -4.171  1.00 28.54 ? 967  ASN A C   1 
ATOM   490 O  O   . ASN A 1 67 ? 2.176   -14.097 -5.337  1.00 30.20 ? 967  ASN A O   1 
ATOM   491 C  CB  . ASN A 1 67 ? 2.544   -16.804 -4.471  1.00 29.87 ? 967  ASN A CB  1 
ATOM   492 C  CG  . ASN A 1 67 ? 3.281   -18.007 -3.942  1.00 31.90 ? 967  ASN A CG  1 
ATOM   493 O  OD1 . ASN A 1 67 ? 4.380   -17.891 -3.398  1.00 34.72 ? 967  ASN A OD1 1 
ATOM   494 N  ND2 . ASN A 1 67 ? 2.667   -19.177 -4.078  1.00 34.51 ? 967  ASN A ND2 1 
ATOM   495 N  N   . ASP A 1 68 ? 1.079   -13.728 -3.417  1.00 23.60 ? 968  ASP A N   1 
ATOM   496 C  CA  . ASP A 1 68 ? 0.185   -12.725 -3.980  1.00 28.35 ? 968  ASP A CA  1 
ATOM   497 C  C   . ASP A 1 68 ? 0.514   -11.300 -3.535  1.00 27.34 ? 968  ASP A C   1 
ATOM   498 O  O   . ASP A 1 68 ? -0.341  -10.411 -3.647  1.00 27.10 ? 968  ASP A O   1 
ATOM   499 C  CB  . ASP A 1 68 ? -1.267  -13.060 -3.624  1.00 27.36 ? 968  ASP A CB  1 
ATOM   500 C  CG  . ASP A 1 68 ? -1.690  -14.434 -4.126  1.00 33.20 ? 968  ASP A CG  1 
ATOM   501 O  OD1 . ASP A 1 68 ? -1.324  -14.792 -5.277  1.00 30.28 ? 968  ASP A OD1 1 
ATOM   502 O  OD2 . ASP A 1 68 ? -2.380  -15.155 -3.362  1.00 32.73 ? 968  ASP A OD2 1 
ATOM   503 N  N   . PHE A 1 69 ? 1.719   -11.056 -3.025  1.00 27.36 ? 969  PHE A N   1 
ATOM   504 C  CA  . PHE A 1 69 ? 2.140   -9.688  -2.755  1.00 24.14 ? 969  PHE A CA  1 
ATOM   505 C  C   . PHE A 1 69 ? 3.649   -9.581  -2.950  1.00 28.06 ? 969  PHE A C   1 
ATOM   506 O  O   . PHE A 1 69 ? 4.396   -10.523 -2.654  1.00 26.15 ? 969  PHE A O   1 
ATOM   507 C  CB  . PHE A 1 69 ? 1.717   -9.241  -1.347  1.00 23.31 ? 969  PHE A CB  1 
ATOM   508 C  CG  . PHE A 1 69 ? 2.397   -9.964  -0.230  1.00 24.39 ? 969  PHE A CG  1 
ATOM   509 C  CD1 . PHE A 1 69 ? 1.979   -11.230 0.150   1.00 28.12 ? 969  PHE A CD1 1 
ATOM   510 C  CD2 . PHE A 1 69 ? 3.418   -9.353  0.487   1.00 25.55 ? 969  PHE A CD2 1 
ATOM   511 C  CE1 . PHE A 1 69 ? 2.595   -11.887 1.197   1.00 27.21 ? 969  PHE A CE1 1 
ATOM   512 C  CE2 . PHE A 1 69 ? 4.030   -9.990  1.536   1.00 27.40 ? 969  PHE A CE2 1 
ATOM   513 C  CZ  . PHE A 1 69 ? 3.630   -11.260 1.898   1.00 30.21 ? 969  PHE A CZ  1 
ATOM   514 N  N   . HIS A 1 70 ? 4.091   -8.456  -3.506  1.00 24.49 ? 970  HIS A N   1 
ATOM   515 C  CA  . HIS A 1 70 ? 5.507   -8.303  -3.797  1.00 25.21 ? 970  HIS A CA  1 
ATOM   516 C  C   . HIS A 1 70 ? 5.888   -6.837  -3.671  1.00 25.93 ? 970  HIS A C   1 
ATOM   517 O  O   . HIS A 1 70 ? 5.057   -5.942  -3.859  1.00 24.54 ? 970  HIS A O   1 
ATOM   518 C  CB  . HIS A 1 70 ? 5.848   -8.833  -5.200  1.00 28.02 ? 970  HIS A CB  1 
ATOM   519 C  CG  . HIS A 1 70 ? 5.168   -10.125 -5.537  0.56 27.60 ? 970  HIS A CG  1 
ATOM   520 N  ND1 . HIS A 1 70 ? 5.790   -11.348 -5.419  0.44 28.38 ? 970  HIS A ND1 1 
ATOM   521 C  CD2 . HIS A 1 70 ? 3.904   -10.383 -5.950  0.27 28.21 ? 970  HIS A CD2 1 
ATOM   522 C  CE1 . HIS A 1 70 ? 4.945   -12.303 -5.765  0.64 29.31 ? 970  HIS A CE1 1 
ATOM   523 N  NE2 . HIS A 1 70 ? 3.794   -11.744 -6.093  1.00 30.86 ? 970  HIS A NE2 1 
ATOM   524 N  N   . ARG A 1 71 ? 7.157   -6.600  -3.351  1.00 24.99 ? 971  ARG A N   1 
ATOM   525 C  CA  . ARG A 1 71 ? 7.676   -5.243  -3.366  1.00 25.83 ? 971  ARG A CA  1 
ATOM   526 C  C   . ARG A 1 71 ? 7.659   -4.687  -4.780  1.00 27.33 ? 971  ARG A C   1 
ATOM   527 O  O   . ARG A 1 71 ? 7.830   -5.417  -5.760  1.00 26.55 ? 971  ARG A O   1 
ATOM   528 C  CB  . ARG A 1 71 ? 9.107   -5.205  -2.835  1.00 26.59 ? 971  ARG A CB  1 
ATOM   529 C  CG  . ARG A 1 71 ? 9.240   -5.752  -1.447  1.00 29.80 ? 971  ARG A CG  1 
ATOM   530 C  CD  . ARG A 1 71 ? 10.689  -5.782  -0.988  1.00 38.11 ? 971  ARG A CD  1 
ATOM   531 N  NE  . ARG A 1 71 ? 10.796  -6.107  0.435   1.00 37.68 ? 971  ARG A NE  1 
ATOM   532 C  CZ  . ARG A 1 71 ? 10.755  -5.201  1.408   1.00 37.40 ? 971  ARG A CZ  1 
ATOM   533 N  NH1 . ARG A 1 71 ? 10.620  -3.903  1.115   1.00 37.03 ? 971  ARG A NH1 1 
ATOM   534 N  NH2 . ARG A 1 71 ? 10.861  -5.588  2.674   1.00 38.64 ? 971  ARG A NH2 1 
ATOM   535 N  N   . ILE A 1 72 ? 7.440   -3.376  -4.874  1.00 23.57 ? 972  ILE A N   1 
ATOM   536 C  CA  . ILE A 1 72 ? 7.685   -2.596  -6.081  1.00 25.48 ? 972  ILE A CA  1 
ATOM   537 C  C   . ILE A 1 72 ? 8.358   -1.303  -5.656  1.00 25.38 ? 972  ILE A C   1 
ATOM   538 O  O   . ILE A 1 72 ? 8.284   -0.884  -4.495  1.00 23.52 ? 972  ILE A O   1 
ATOM   539 C  CB  . ILE A 1 72 ? 6.412   -2.265  -6.888  1.00 25.53 ? 972  ILE A CB  1 
ATOM   540 C  CG1 . ILE A 1 72 ? 5.427   -1.465  -6.010  1.00 25.44 ? 972  ILE A CG1 1 
ATOM   541 C  CG2 . ILE A 1 72 ? 5.802   -3.515  -7.438  1.00 27.24 ? 972  ILE A CG2 1 
ATOM   542 C  CD1 . ILE A 1 72 ? 4.427   -0.620  -6.784  1.00 26.20 ? 972  ILE A CD1 1 
ATOM   543 N  N   . TYR A 1 73 ? 9.024   -0.661  -6.607  1.00 26.18 ? 973  TYR A N   1 
ATOM   544 C  CA  . TYR A 1 73 ? 9.714   0.595   -6.333  1.00 29.36 ? 973  TYR A CA  1 
ATOM   545 C  C   . TYR A 1 73 ? 9.193   1.684   -7.267  1.00 31.39 ? 973  TYR A C   1 
ATOM   546 O  O   . TYR A 1 73 ? 9.455   1.660   -8.473  1.00 31.04 ? 973  TYR A O   1 
ATOM   547 C  CB  . TYR A 1 73 ? 11.227  0.440   -6.465  1.00 30.09 ? 973  TYR A CB  1 
ATOM   548 C  CG  . TYR A 1 73 ? 11.937  1.750   -6.258  1.00 32.27 ? 973  TYR A CG  1 
ATOM   549 C  CD1 . TYR A 1 73 ? 11.820  2.444   -5.057  1.00 35.67 ? 973  TYR A CD1 1 
ATOM   550 C  CD2 . TYR A 1 73 ? 12.693  2.313   -7.270  1.00 36.35 ? 973  TYR A CD2 1 
ATOM   551 C  CE1 . TYR A 1 73 ? 12.452  3.655   -4.868  1.00 37.42 ? 973  TYR A CE1 1 
ATOM   552 C  CE2 . TYR A 1 73 ? 13.331  3.511   -7.093  1.00 37.60 ? 973  TYR A CE2 1 
ATOM   553 C  CZ  . TYR A 1 73 ? 13.207  4.183   -5.895  1.00 39.54 ? 973  TYR A CZ  1 
ATOM   554 O  OH  . TYR A 1 73 ? 13.842  5.395   -5.736  1.00 44.31 ? 973  TYR A OH  1 
ATOM   555 N  N   . ILE A 1 74 ? 8.472   2.651   -6.704  1.00 30.65 ? 974  ILE A N   1 
ATOM   556 C  CA  . ILE A 1 74 ? 7.899   3.746   -7.476  1.00 32.33 ? 974  ILE A CA  1 
ATOM   557 C  C   . ILE A 1 74 ? 8.886   4.902   -7.495  1.00 37.70 ? 974  ILE A C   1 
ATOM   558 O  O   . ILE A 1 74 ? 9.404   5.277   -8.554  1.00 41.58 ? 974  ILE A O   1 
ATOM   559 C  CB  . ILE A 1 74 ? 6.543   4.172   -6.888  1.00 35.34 ? 974  ILE A CB  1 
ATOM   560 C  CG1 . ILE A 1 74 ? 5.549   3.015   -7.009  1.00 30.40 ? 974  ILE A CG1 1 
ATOM   561 C  CG2 . ILE A 1 74 ? 6.021   5.429   -7.582  1.00 36.75 ? 974  ILE A CG2 1 
ATOM   562 C  CD1 . ILE A 1 74 ? 4.344   3.140   -6.091  1.00 33.42 ? 974  ILE A CD1 1 
ATOM   563 N  N   . GLY A 1 75 ? 9.159   5.464   -6.322  1.00 38.50 ? 975  GLY A N   1 
ATOM   564 C  CA  . GLY A 1 75 ? 10.137  6.521   -6.183  1.00 40.67 ? 975  GLY A CA  1 
ATOM   565 C  C   . GLY A 1 75 ? 10.694  6.653   -4.772  1.00 47.12 ? 975  GLY A C   1 
ATOM   566 O  O   . GLY A 1 75 ? 10.275  5.966   -3.824  1.00 45.96 ? 975  GLY A O   1 
ATOM   567 O  OXT . GLY A 1 75 ? 11.598  7.468   -4.543  1.00 52.23 ? 975  GLY A OXT 1 
HETATM 568 ZN ZN  . ZN  B 2 .  ? 0.950   1.269   5.148   1.00 22.53 ? 1001 ZN  A ZN  1 
HETATM 569 ZN ZN  . ZN  C 2 .  ? -7.518  -5.085  -3.423  1.00 27.98 ? 1002 ZN  A ZN  1 
HETATM 570 O  O   . HOH D 3 .  ? 6.653   30.636  -1.783  1.00 49.60 ? 1101 HOH A O   1 
HETATM 571 O  O   . HOH D 3 .  ? -4.057  -0.159  -8.149  1.00 33.86 ? 1102 HOH A O   1 
HETATM 572 O  O   . HOH D 3 .  ? -1.022  -13.440 -7.371  1.00 33.20 ? 1103 HOH A O   1 
HETATM 573 O  O   . HOH D 3 .  ? -3.558  6.620   -2.405  1.00 38.90 ? 1104 HOH A O   1 
HETATM 574 O  O   . HOH D 3 .  ? 4.925   -8.949  10.179  1.00 36.24 ? 1105 HOH A O   1 
HETATM 575 O  O   . HOH D 3 .  ? 2.779   31.156  -5.731  1.00 48.82 ? 1106 HOH A O   1 
HETATM 576 O  O   . HOH D 3 .  ? -3.048  -10.397 -4.151  1.00 28.35 ? 1107 HOH A O   1 
HETATM 577 O  O   . HOH D 3 .  ? -4.898  -16.316 2.055   1.00 35.29 ? 1108 HOH A O   1 
HETATM 578 O  O   . HOH D 3 .  ? 8.805   2.935   -10.756 1.00 33.68 ? 1109 HOH A O   1 
HETATM 579 O  O   . HOH D 3 .  ? -0.445  -15.070 12.973  1.00 31.29 ? 1110 HOH A O   1 
HETATM 580 O  O   . HOH D 3 .  ? 7.172   1.612   2.878   1.00 25.61 ? 1111 HOH A O   1 
HETATM 581 O  O   . HOH D 3 .  ? 8.355   -0.361  6.988   1.00 31.20 ? 1112 HOH A O   1 
HETATM 582 O  O   . HOH D 3 .  ? -7.864  -15.264 7.473   1.00 37.41 ? 1113 HOH A O   1 
HETATM 583 O  O   . HOH D 3 .  ? -6.146  25.276  -4.294  1.00 35.35 ? 1114 HOH A O   1 
HETATM 584 O  O   . HOH D 3 .  ? 8.213   2.836   -3.933  1.00 29.16 ? 1115 HOH A O   1 
HETATM 585 O  O   . HOH D 3 .  ? -8.032  -14.704 3.487   1.00 32.72 ? 1116 HOH A O   1 
HETATM 586 O  O   . HOH D 3 .  ? -1.203  7.436   10.855  1.00 40.05 ? 1117 HOH A O   1 
HETATM 587 O  O   . HOH D 3 .  ? -3.873  2.368   -2.838  1.00 32.31 ? 1118 HOH A O   1 
HETATM 588 O  O   . HOH D 3 .  ? 8.598   -8.805  -2.086  1.00 38.83 ? 1119 HOH A O   1 
HETATM 589 O  O   . HOH D 3 .  ? -0.284  -17.500 -2.466  1.00 35.34 ? 1120 HOH A O   1 
HETATM 590 O  O   . HOH D 3 .  ? 9.624   -1.454  2.508   1.00 33.80 ? 1121 HOH A O   1 
HETATM 591 O  O   . HOH D 3 .  ? 7.030   -0.613  4.555   1.00 26.33 ? 1122 HOH A O   1 
HETATM 592 O  O   . HOH D 3 .  ? -4.196  1.104   -4.619  1.00 30.21 ? 1123 HOH A O   1 
HETATM 593 O  O   . HOH D 3 .  ? 8.245   5.707   4.210   1.00 33.33 ? 1124 HOH A O   1 
HETATM 594 O  O   . HOH D 3 .  ? -5.506  -9.264  -2.753  1.00 30.31 ? 1125 HOH A O   1 
HETATM 595 O  O   . HOH D 3 .  ? 7.799   6.697   6.806   1.00 36.91 ? 1126 HOH A O   1 
HETATM 596 O  O   . HOH D 3 .  ? 7.335   16.541  4.873   1.00 31.25 ? 1127 HOH A O   1 
HETATM 597 O  O   . HOH D 3 .  ? 4.206   12.761  3.953   1.00 44.61 ? 1128 HOH A O   1 
HETATM 598 O  O   . HOH D 3 .  ? 9.266   2.320   6.615   1.00 37.81 ? 1129 HOH A O   1 
HETATM 599 O  O   . HOH D 3 .  ? -10.919 -7.427  -6.225  1.00 44.34 ? 1130 HOH A O   1 
# 
